data_4DKV
#
_entry.id   4DKV
#
_cell.length_a   64.333
_cell.length_b   68.773
_cell.length_c   93.848
_cell.angle_alpha   90.00
_cell.angle_beta   91.74
_cell.angle_gamma   90.00
#
_symmetry.space_group_name_H-M   'P 1 21 1'
#
loop_
_entity.id
_entity.type
_entity.pdbx_description
1 polymer 'HIV-1 gp120 core'
2 non-polymer 2-acetamido-2-deoxy-beta-D-glucopyranose
3 non-polymer '4-(2-HYDROXYETHYL)-1-PIPERAZINE ETHANESULFONIC ACID'
4 non-polymer "N-(4-chlorophenyl)-N'-{(S)-[5-(2-hydroxyethyl)-4-methyl-1,3-thiazol-2-yl][(2S)-piperidin-2-yl]methyl}ethanediamide"
5 water water
#
_entity_poly.entity_id   1
_entity_poly.type   'polypeptide(L)'
_entity_poly.pdbx_seq_one_letter_code
;VWKDADTTLFCASDAKAHETEVHNVWATHACVPTDPNPQEIHLENVTENFNMWKNNMVEQMQEDVISLWDQSLQPCVKLT
GGSVIKQACPKISFDPIPIHYCTPAGYVILKCNDKNFNGTGPCKNVSSVQCTHGIKPVVSTQLLLNGSLAEEEIIIRSEN
LTNNAKTIIVHLNKSVEINCTRPSNGGSGSGGDIRKAYCEINGTKWNKVLKQVTEKLKEHFNNKTIIFQPPSGGDLEITM
HSFNCRGEFFYCNTTQLFNNTCIGNETMKGCNGTITLPCKIKQIINMWQGTGQAMYAPPIDGKINCVSNITGILLTRDGG
ANNTSNETFRPGGGNIKDNWRSELYKYKVVQIE
;
_entity_poly.pdbx_strand_id   A,B
#
# COMPACT_ATOMS: atom_id res chain seq x y z
N VAL A 1 13.94 -18.41 -31.81
CA VAL A 1 14.03 -18.92 -30.45
C VAL A 1 15.11 -18.17 -29.67
N TRP A 2 14.87 -17.92 -28.38
CA TRP A 2 15.81 -17.17 -27.56
C TRP A 2 15.84 -17.67 -26.12
N LYS A 3 16.80 -17.15 -25.35
CA LYS A 3 16.93 -17.48 -23.95
C LYS A 3 17.60 -16.33 -23.21
N ASP A 4 17.36 -16.24 -21.91
CA ASP A 4 18.00 -15.21 -21.08
C ASP A 4 19.51 -15.38 -21.10
N ALA A 5 20.22 -14.27 -21.31
CA ALA A 5 21.68 -14.32 -21.39
C ALA A 5 22.31 -12.98 -21.04
N ASP A 6 23.53 -13.03 -20.52
CA ASP A 6 24.32 -11.83 -20.27
C ASP A 6 25.40 -11.71 -21.33
N THR A 7 25.58 -10.51 -21.85
CA THR A 7 26.61 -10.26 -22.84
C THR A 7 27.18 -8.86 -22.70
N THR A 8 28.34 -8.63 -23.33
CA THR A 8 28.96 -7.31 -23.33
C THR A 8 28.19 -6.34 -24.21
N LEU A 9 27.56 -5.36 -23.61
CA LEU A 9 26.78 -4.37 -24.34
C LEU A 9 27.67 -3.23 -24.84
N PHE A 10 27.18 -2.49 -25.82
CA PHE A 10 27.83 -1.24 -26.21
C PHE A 10 26.87 -0.08 -26.04
N CYS A 11 27.37 1.15 -26.16
CA CYS A 11 26.54 2.32 -25.96
C CYS A 11 26.45 3.21 -27.19
N ALA A 12 25.37 4.00 -27.25
CA ALA A 12 25.17 4.95 -28.33
C ALA A 12 24.70 6.28 -27.76
N SER A 13 25.07 7.38 -28.40
CA SER A 13 24.70 8.70 -27.92
C SER A 13 24.76 9.75 -29.02
N ASP A 14 24.31 10.96 -28.70
CA ASP A 14 24.39 12.09 -29.62
C ASP A 14 25.40 13.10 -29.11
N ALA A 15 26.46 12.60 -28.50
CA ALA A 15 27.52 13.45 -27.95
C ALA A 15 28.18 14.31 -29.02
N LYS A 16 28.68 15.47 -28.61
CA LYS A 16 29.34 16.38 -29.53
C LYS A 16 30.86 16.30 -29.36
N ALA A 17 31.57 16.10 -30.46
CA ALA A 17 33.02 15.94 -30.43
C ALA A 17 33.75 17.21 -30.01
N HIS A 18 33.13 18.36 -30.25
CA HIS A 18 33.76 19.64 -29.97
C HIS A 18 33.47 20.13 -28.56
N GLU A 19 32.50 19.49 -27.91
CA GLU A 19 32.09 19.89 -26.57
C GLU A 19 33.11 19.44 -25.52
N THR A 20 33.40 20.32 -24.57
CA THR A 20 34.35 20.03 -23.51
C THR A 20 33.66 19.41 -22.29
N GLU A 21 32.33 19.41 -22.29
CA GLU A 21 31.57 18.79 -21.22
C GLU A 21 31.92 17.31 -21.13
N VAL A 22 32.21 16.85 -19.90
CA VAL A 22 32.83 15.55 -19.68
C VAL A 22 32.02 14.33 -20.13
N HIS A 23 30.69 14.41 -20.05
CA HIS A 23 29.86 13.33 -20.54
C HIS A 23 29.96 13.22 -22.06
N ASN A 24 29.97 14.38 -22.72
CA ASN A 24 30.17 14.42 -24.17
C ASN A 24 31.51 13.83 -24.57
N VAL A 25 32.55 14.18 -23.81
CA VAL A 25 33.90 13.69 -24.08
C VAL A 25 33.98 12.18 -23.91
N TRP A 26 33.41 11.68 -22.82
CA TRP A 26 33.43 10.24 -22.54
C TRP A 26 32.71 9.47 -23.64
N ALA A 27 31.49 9.88 -23.96
CA ALA A 27 30.68 9.20 -24.96
C ALA A 27 31.27 9.29 -26.36
N THR A 28 31.99 10.37 -26.64
CA THR A 28 32.63 10.55 -27.94
C THR A 28 33.66 9.46 -28.19
N HIS A 29 34.35 9.04 -27.14
CA HIS A 29 35.38 8.02 -27.25
C HIS A 29 34.88 6.63 -26.89
N ALA A 30 33.74 6.54 -26.21
CA ALA A 30 33.25 5.27 -25.70
C ALA A 30 31.95 4.77 -26.36
N CYS A 31 31.30 5.62 -27.16
CA CYS A 31 30.03 5.26 -27.77
C CYS A 31 30.01 5.50 -29.28
N VAL A 32 28.96 4.99 -29.92
CA VAL A 32 28.74 5.20 -31.35
C VAL A 32 27.53 6.13 -31.54
N PRO A 33 27.35 6.68 -32.75
CA PRO A 33 26.16 7.49 -33.00
C PRO A 33 24.87 6.69 -32.84
N THR A 34 23.80 7.34 -32.41
CA THR A 34 22.50 6.69 -32.27
C THR A 34 21.92 6.32 -33.63
N ASP A 35 20.94 5.43 -33.61
CA ASP A 35 20.22 5.05 -34.82
C ASP A 35 19.02 5.97 -34.98
N PRO A 36 18.97 6.73 -36.08
CA PRO A 36 17.86 7.65 -36.34
C PRO A 36 16.55 6.90 -36.61
N ASN A 37 16.65 5.74 -37.25
CA ASN A 37 15.47 4.92 -37.54
C ASN A 37 15.56 3.53 -36.89
N PRO A 38 15.47 3.48 -35.55
CA PRO A 38 15.62 2.20 -34.85
C PRO A 38 14.42 1.28 -35.06
N GLN A 39 14.69 0.00 -35.32
CA GLN A 39 13.62 -0.97 -35.53
C GLN A 39 13.11 -1.50 -34.20
N GLU A 40 11.81 -1.77 -34.14
CA GLU A 40 11.20 -2.35 -32.95
C GLU A 40 10.11 -3.34 -33.34
N ILE A 41 10.29 -4.60 -32.95
CA ILE A 41 9.31 -5.63 -33.26
C ILE A 41 8.49 -5.98 -32.03
N HIS A 42 7.19 -5.74 -32.10
CA HIS A 42 6.27 -6.10 -31.04
C HIS A 42 5.90 -7.58 -31.14
N LEU A 43 6.19 -8.34 -30.09
CA LEU A 43 5.99 -9.78 -30.10
C LEU A 43 4.56 -10.17 -29.75
N GLU A 44 3.92 -10.89 -30.67
CA GLU A 44 2.54 -11.32 -30.49
C GLU A 44 2.43 -12.57 -29.62
N ASN A 45 1.49 -12.55 -28.69
CA ASN A 45 1.21 -13.71 -27.83
C ASN A 45 2.43 -14.21 -27.07
N VAL A 46 3.27 -13.28 -26.64
CA VAL A 46 4.51 -13.63 -25.94
C VAL A 46 4.50 -13.16 -24.49
N THR A 47 4.76 -14.09 -23.56
CA THR A 47 4.88 -13.75 -22.16
C THR A 47 6.33 -13.94 -21.69
N GLU A 48 6.94 -12.86 -21.21
CA GLU A 48 8.32 -12.90 -20.76
C GLU A 48 8.45 -12.47 -19.29
N ASN A 49 9.28 -13.18 -18.54
CA ASN A 49 9.54 -12.83 -17.16
C ASN A 49 10.71 -11.85 -17.05
N PHE A 50 10.54 -10.83 -16.23
CA PHE A 50 11.59 -9.84 -16.00
C PHE A 50 11.95 -9.78 -14.52
N ASN A 51 13.18 -9.38 -14.23
CA ASN A 51 13.61 -9.17 -12.86
C ASN A 51 14.61 -8.02 -12.79
N MET A 52 14.09 -6.82 -12.55
CA MET A 52 14.90 -5.61 -12.52
C MET A 52 15.98 -5.64 -11.44
N TRP A 53 15.76 -6.45 -10.41
CA TRP A 53 16.67 -6.53 -9.28
C TRP A 53 17.81 -7.50 -9.52
N LYS A 54 17.68 -8.28 -10.59
CA LYS A 54 18.75 -9.17 -11.04
C LYS A 54 18.93 -9.00 -12.54
N ASN A 55 19.59 -7.91 -12.90
CA ASN A 55 19.74 -7.53 -14.30
C ASN A 55 21.14 -6.97 -14.57
N ASN A 56 21.93 -7.74 -15.30
CA ASN A 56 23.33 -7.38 -15.55
C ASN A 56 23.51 -6.07 -16.30
N MET A 57 22.45 -5.61 -16.98
CA MET A 57 22.46 -4.31 -17.63
C MET A 57 22.76 -3.20 -16.63
N VAL A 58 22.26 -3.38 -15.40
CA VAL A 58 22.48 -2.42 -14.33
C VAL A 58 23.95 -2.34 -13.93
N GLU A 59 24.57 -3.51 -13.74
CA GLU A 59 25.99 -3.58 -13.41
C GLU A 59 26.86 -2.95 -14.49
N GLN A 60 26.50 -3.18 -15.75
CA GLN A 60 27.26 -2.65 -16.88
C GLN A 60 27.17 -1.13 -16.99
N MET A 61 25.98 -0.58 -16.79
CA MET A 61 25.82 0.87 -16.79
C MET A 61 26.62 1.48 -15.64
N GLN A 62 26.56 0.82 -14.48
CA GLN A 62 27.31 1.26 -13.30
C GLN A 62 28.79 1.38 -13.63
N GLU A 63 29.32 0.39 -14.34
CA GLU A 63 30.73 0.38 -14.73
C GLU A 63 31.07 1.54 -15.66
N ASP A 64 30.15 1.89 -16.55
CA ASP A 64 30.32 3.05 -17.43
C ASP A 64 30.44 4.33 -16.63
N VAL A 65 29.47 4.56 -15.74
CA VAL A 65 29.42 5.79 -14.97
C VAL A 65 30.64 5.93 -14.05
N ILE A 66 31.08 4.79 -13.50
CA ILE A 66 32.30 4.78 -12.68
C ILE A 66 33.50 5.20 -13.51
N SER A 67 33.64 4.61 -14.70
CA SER A 67 34.74 4.93 -15.58
C SER A 67 34.68 6.39 -16.02
N LEU A 68 33.46 6.87 -16.27
CA LEU A 68 33.23 8.26 -16.65
C LEU A 68 33.70 9.19 -15.54
N TRP A 69 33.30 8.88 -14.31
CA TRP A 69 33.67 9.70 -13.16
C TRP A 69 35.16 9.61 -12.83
N ASP A 70 35.74 8.44 -13.07
CA ASP A 70 37.17 8.25 -12.82
C ASP A 70 38.01 9.14 -13.73
N GLN A 71 37.57 9.31 -14.97
CA GLN A 71 38.32 10.09 -15.95
C GLN A 71 37.98 11.58 -15.90
N SER A 72 36.81 11.89 -15.35
CA SER A 72 36.27 13.25 -15.43
C SER A 72 36.26 14.00 -14.11
N LEU A 73 36.11 13.27 -13.01
CA LEU A 73 35.92 13.91 -11.71
C LEU A 73 36.93 13.42 -10.67
N GLN A 74 38.21 13.61 -10.93
CA GLN A 74 39.24 13.29 -9.96
C GLN A 74 39.36 14.40 -8.92
N PRO A 75 39.26 14.02 -7.65
CA PRO A 75 39.36 14.98 -6.53
C PRO A 75 40.81 15.40 -6.28
N CYS A 76 40.99 16.47 -5.50
CA CYS A 76 42.32 16.93 -5.13
C CYS A 76 42.96 15.89 -4.21
N VAL A 77 42.17 15.41 -3.26
CA VAL A 77 42.63 14.43 -2.28
C VAL A 77 41.69 13.24 -2.24
N LYS A 78 42.26 12.04 -2.28
CA LYS A 78 41.46 10.82 -2.21
C LYS A 78 41.93 9.93 -1.05
N LEU A 79 40.98 9.34 -0.34
CA LEU A 79 41.29 8.51 0.81
C LEU A 79 40.73 7.10 0.62
N THR A 80 41.56 6.19 0.13
CA THR A 80 41.11 4.82 -0.16
C THR A 80 42.03 3.77 0.44
N GLY A 81 41.46 2.93 1.32
CA GLY A 81 42.17 1.79 1.88
C GLY A 81 43.42 2.14 2.64
N GLY A 82 43.45 3.31 3.27
CA GLY A 82 44.60 3.76 4.03
C GLY A 82 45.56 4.57 3.20
N SER A 83 45.39 4.51 1.88
CA SER A 83 46.24 5.26 0.96
C SER A 83 45.73 6.69 0.78
N VAL A 84 46.64 7.60 0.47
CA VAL A 84 46.27 8.99 0.22
C VAL A 84 46.81 9.47 -1.12
N ILE A 85 45.89 9.76 -2.04
CA ILE A 85 46.27 10.22 -3.37
C ILE A 85 46.00 11.71 -3.55
N LYS A 86 47.02 12.44 -3.98
CA LYS A 86 46.89 13.87 -4.20
C LYS A 86 47.15 14.23 -5.66
N GLN A 87 46.09 14.66 -6.35
CA GLN A 87 46.20 15.03 -7.76
C GLN A 87 45.65 16.43 -8.00
N ALA A 88 45.77 16.90 -9.23
CA ALA A 88 45.20 18.18 -9.62
C ALA A 88 43.69 18.04 -9.76
N CYS A 89 42.96 19.09 -9.39
CA CYS A 89 41.50 19.06 -9.42
C CYS A 89 40.92 20.30 -10.07
N PRO A 90 41.05 20.42 -11.40
CA PRO A 90 40.54 21.59 -12.11
C PRO A 90 39.03 21.56 -12.22
N LYS A 91 38.41 22.73 -12.38
CA LYS A 91 36.97 22.80 -12.57
C LYS A 91 36.58 22.35 -13.96
N ILE A 92 35.48 21.61 -14.06
CA ILE A 92 35.07 21.01 -15.33
C ILE A 92 33.68 21.46 -15.75
N SER A 93 33.33 21.15 -17.00
CA SER A 93 31.98 21.35 -17.51
C SER A 93 31.19 20.06 -17.31
N PHE A 94 30.08 20.15 -16.60
CA PHE A 94 29.36 18.96 -16.15
C PHE A 94 27.86 19.08 -16.38
N ASP A 95 27.32 18.19 -17.23
CA ASP A 95 25.90 18.15 -17.53
C ASP A 95 25.57 16.85 -18.26
N PRO A 96 24.95 15.90 -17.54
CA PRO A 96 24.67 14.55 -18.05
C PRO A 96 23.87 14.52 -19.36
N ILE A 97 24.26 13.64 -20.28
CA ILE A 97 23.55 13.45 -21.53
C ILE A 97 22.96 12.04 -21.61
N PRO A 98 21.92 11.85 -22.44
CA PRO A 98 21.31 10.52 -22.56
C PRO A 98 22.26 9.47 -23.13
N ILE A 99 22.31 8.31 -22.51
CA ILE A 99 23.13 7.20 -22.99
C ILE A 99 22.26 5.98 -23.32
N HIS A 100 22.37 5.48 -24.55
CA HIS A 100 21.61 4.30 -24.97
C HIS A 100 22.44 3.04 -24.82
N TYR A 101 21.84 1.98 -24.28
CA TYR A 101 22.54 0.71 -24.15
C TYR A 101 22.03 -0.31 -25.16
N CYS A 102 22.97 -0.94 -25.86
CA CYS A 102 22.62 -1.76 -27.02
C CYS A 102 23.26 -3.16 -26.99
N THR A 103 22.63 -4.10 -27.67
CA THR A 103 23.13 -5.47 -27.78
C THR A 103 23.85 -5.69 -29.10
N PRO A 104 24.91 -6.51 -29.10
CA PRO A 104 25.61 -6.88 -30.33
C PRO A 104 24.87 -7.96 -31.11
N ALA A 105 25.42 -8.37 -32.24
CA ALA A 105 24.79 -9.38 -33.09
C ALA A 105 24.60 -10.69 -32.34
N GLY A 106 23.48 -11.36 -32.60
CA GLY A 106 23.15 -12.61 -31.94
C GLY A 106 22.35 -12.39 -30.67
N TYR A 107 22.21 -11.12 -30.28
CA TYR A 107 21.45 -10.76 -29.09
C TYR A 107 20.50 -9.61 -29.40
N VAL A 108 19.39 -9.56 -28.67
CA VAL A 108 18.47 -8.43 -28.74
C VAL A 108 18.01 -8.07 -27.33
N ILE A 109 17.45 -6.88 -27.17
CA ILE A 109 16.88 -6.45 -25.90
C ILE A 109 15.37 -6.60 -25.93
N LEU A 110 14.83 -7.34 -24.95
CA LEU A 110 13.39 -7.43 -24.81
C LEU A 110 12.88 -6.30 -23.91
N LYS A 111 11.85 -5.61 -24.37
CA LYS A 111 11.30 -4.47 -23.66
C LYS A 111 9.86 -4.73 -23.23
N CYS A 112 9.61 -4.65 -21.93
CA CYS A 112 8.26 -4.82 -21.40
C CYS A 112 7.47 -3.53 -21.54
N ASN A 113 6.32 -3.60 -22.20
CA ASN A 113 5.50 -2.42 -22.44
C ASN A 113 4.20 -2.40 -21.65
N ASP A 114 4.11 -3.26 -20.63
CA ASP A 114 2.97 -3.26 -19.74
C ASP A 114 2.92 -1.93 -18.99
N LYS A 115 1.75 -1.30 -19.00
CA LYS A 115 1.59 0.09 -18.54
C LYS A 115 1.87 0.31 -17.06
N ASN A 116 1.58 -0.68 -16.23
CA ASN A 116 1.83 -0.56 -14.79
C ASN A 116 2.82 -1.61 -14.29
N PHE A 117 3.77 -1.97 -15.14
CA PHE A 117 4.76 -3.00 -14.81
C PHE A 117 5.64 -2.58 -13.63
N ASN A 118 5.72 -3.44 -12.62
CA ASN A 118 6.45 -3.09 -11.40
C ASN A 118 7.94 -3.48 -11.41
N GLY A 119 8.36 -4.15 -12.48
CA GLY A 119 9.77 -4.52 -12.62
C GLY A 119 10.05 -6.00 -12.50
N THR A 120 9.13 -6.73 -11.88
CA THR A 120 9.29 -8.17 -11.72
C THR A 120 8.05 -8.92 -12.18
N GLY A 121 8.27 -10.11 -12.69
CA GLY A 121 7.22 -10.94 -13.11
C GLY A 121 7.03 -11.04 -14.59
N PRO A 122 5.86 -11.72 -14.92
CA PRO A 122 5.56 -11.71 -16.34
C PRO A 122 5.05 -10.41 -16.93
N CYS A 123 5.37 -10.29 -18.17
CA CYS A 123 5.04 -9.21 -19.01
C CYS A 123 4.34 -9.70 -20.25
N LYS A 124 3.22 -9.07 -20.55
CA LYS A 124 2.42 -9.47 -21.69
C LYS A 124 2.82 -8.79 -23.00
N ASN A 125 2.89 -7.48 -22.96
CA ASN A 125 3.07 -6.70 -24.15
C ASN A 125 4.62 -6.39 -24.22
N VAL A 126 5.29 -7.27 -24.91
CA VAL A 126 6.68 -7.29 -25.02
C VAL A 126 7.07 -6.94 -26.44
N SER A 127 8.04 -6.08 -26.54
CA SER A 127 8.63 -5.77 -27.84
C SER A 127 10.12 -6.10 -27.87
N SER A 128 10.71 -6.05 -29.06
CA SER A 128 12.13 -6.35 -29.24
C SER A 128 12.86 -5.16 -29.82
N VAL A 129 13.96 -4.76 -29.18
CA VAL A 129 14.75 -3.61 -29.63
C VAL A 129 16.23 -3.92 -29.59
N GLN A 130 17.02 -3.12 -30.30
CA GLN A 130 18.48 -3.25 -30.24
C GLN A 130 19.06 -2.36 -29.15
N CYS A 131 18.44 -1.21 -28.94
CA CYS A 131 18.94 -0.24 -27.95
C CYS A 131 17.85 0.23 -27.00
N THR A 132 18.23 0.49 -25.75
CA THR A 132 17.31 1.09 -24.79
C THR A 132 17.09 2.55 -25.15
N HIS A 133 16.21 3.22 -24.41
CA HIS A 133 16.03 4.65 -24.58
C HIS A 133 17.22 5.39 -23.98
N GLY A 134 17.33 6.68 -24.28
CA GLY A 134 18.43 7.49 -23.78
C GLY A 134 18.32 7.73 -22.29
N ILE A 135 19.29 7.23 -21.54
CA ILE A 135 19.30 7.34 -20.10
C ILE A 135 20.43 8.24 -19.62
N LYS A 136 20.08 9.32 -18.93
CA LYS A 136 21.08 10.20 -18.34
C LYS A 136 21.59 9.61 -17.03
N PRO A 137 22.91 9.48 -16.91
CA PRO A 137 23.53 8.91 -15.70
C PRO A 137 23.51 9.86 -14.52
N VAL A 138 22.32 10.26 -14.09
CA VAL A 138 22.19 11.20 -12.98
C VAL A 138 22.41 10.53 -11.62
N VAL A 139 23.46 10.93 -10.93
CA VAL A 139 23.80 10.36 -9.63
C VAL A 139 23.19 11.19 -8.51
N SER A 140 22.34 10.55 -7.71
CA SER A 140 21.67 11.24 -6.61
C SER A 140 21.19 10.29 -5.54
N THR A 141 20.82 10.85 -4.40
CA THR A 141 20.19 10.08 -3.33
C THR A 141 18.84 10.70 -2.99
N GLN A 142 18.01 9.96 -2.26
CA GLN A 142 16.68 10.39 -1.86
C GLN A 142 15.73 10.63 -3.04
N LEU A 143 16.06 11.59 -3.88
CA LEU A 143 15.20 11.94 -5.02
C LEU A 143 15.87 11.58 -6.33
N LEU A 144 15.10 10.96 -7.23
CA LEU A 144 15.57 10.66 -8.57
C LEU A 144 15.28 11.86 -9.47
N LEU A 145 16.27 12.31 -10.22
CA LEU A 145 16.15 13.53 -10.99
C LEU A 145 16.30 13.32 -12.50
N ASN A 146 15.54 14.09 -13.28
CA ASN A 146 15.63 14.07 -14.74
C ASN A 146 15.44 12.68 -15.35
N GLY A 147 14.66 11.84 -14.71
CA GLY A 147 14.41 10.50 -15.21
C GLY A 147 13.15 10.41 -16.05
N SER A 148 12.77 9.19 -16.42
CA SER A 148 11.54 8.98 -17.15
C SER A 148 10.38 8.84 -16.17
N LEU A 149 9.19 9.22 -16.61
CA LEU A 149 8.00 9.12 -15.77
C LEU A 149 7.19 7.87 -16.11
N ALA A 150 6.48 7.35 -15.12
CA ALA A 150 5.53 6.26 -15.34
C ALA A 150 4.39 6.76 -16.21
N GLU A 151 3.91 5.92 -17.12
CA GLU A 151 2.90 6.34 -18.09
C GLU A 151 1.50 6.47 -17.48
N GLU A 152 1.07 5.45 -16.76
CA GLU A 152 -0.25 5.48 -16.12
C GLU A 152 -0.18 5.91 -14.67
N GLU A 153 -0.28 4.93 -13.77
CA GLU A 153 -0.30 5.20 -12.35
C GLU A 153 1.11 5.23 -11.76
N ILE A 154 1.23 5.79 -10.56
CA ILE A 154 2.48 5.77 -9.83
C ILE A 154 2.83 4.33 -9.49
N ILE A 155 4.08 3.94 -9.70
CA ILE A 155 4.49 2.56 -9.49
C ILE A 155 5.42 2.42 -8.28
N ILE A 156 5.14 1.43 -7.45
CA ILE A 156 6.01 1.08 -6.33
C ILE A 156 6.85 -0.12 -6.71
N ARG A 157 8.17 0.02 -6.55
CA ARG A 157 9.09 -1.05 -6.93
C ARG A 157 9.92 -1.50 -5.73
N SER A 158 10.03 -2.81 -5.58
CA SER A 158 10.87 -3.41 -4.54
C SER A 158 11.14 -4.87 -4.85
N GLU A 159 12.34 -5.34 -4.51
CA GLU A 159 12.66 -6.75 -4.66
C GLU A 159 11.84 -7.57 -3.68
N ASN A 160 11.48 -6.96 -2.56
CA ASN A 160 10.69 -7.61 -1.52
C ASN A 160 10.18 -6.57 -0.51
N LEU A 161 8.94 -6.11 -0.73
CA LEU A 161 8.33 -5.10 0.12
C LEU A 161 8.25 -5.51 1.59
N THR A 162 8.08 -6.81 1.83
CA THR A 162 8.02 -7.35 3.18
C THR A 162 9.37 -7.21 3.86
N ASN A 163 10.43 -7.23 3.06
CA ASN A 163 11.78 -7.05 3.59
C ASN A 163 12.11 -5.55 3.65
N ASN A 164 12.12 -5.01 4.87
CA ASN A 164 12.36 -3.58 5.06
C ASN A 164 13.81 -3.18 4.78
N ALA A 165 14.69 -4.17 4.61
CA ALA A 165 16.08 -3.90 4.28
C ALA A 165 16.24 -3.64 2.78
N LYS A 166 15.21 -3.94 2.01
CA LYS A 166 15.23 -3.70 0.57
C LYS A 166 14.68 -2.32 0.22
N THR A 167 15.43 -1.60 -0.61
CA THR A 167 15.08 -0.24 -1.00
C THR A 167 13.79 -0.22 -1.82
N ILE A 168 12.95 0.78 -1.57
CA ILE A 168 11.74 0.99 -2.36
C ILE A 168 11.97 2.10 -3.37
N ILE A 169 11.70 1.81 -4.63
CA ILE A 169 11.74 2.83 -5.67
C ILE A 169 10.32 3.25 -6.03
N VAL A 170 10.00 4.50 -5.74
CA VAL A 170 8.71 5.08 -6.14
C VAL A 170 8.86 5.75 -7.50
N HIS A 171 8.07 5.30 -8.47
CA HIS A 171 8.14 5.85 -9.81
C HIS A 171 6.97 6.82 -10.06
N LEU A 172 7.27 8.10 -10.09
CA LEU A 172 6.23 9.13 -10.27
C LEU A 172 5.69 9.16 -11.69
N ASN A 173 4.43 9.58 -11.84
CA ASN A 173 3.82 9.74 -13.15
C ASN A 173 3.65 11.21 -13.50
N LYS A 174 4.10 12.07 -12.59
CA LYS A 174 4.01 13.51 -12.77
C LYS A 174 5.27 14.18 -12.21
N SER A 175 5.98 14.91 -13.06
CA SER A 175 7.20 15.59 -12.65
C SER A 175 6.93 16.73 -11.67
N VAL A 176 7.79 16.85 -10.66
CA VAL A 176 7.78 17.99 -9.77
C VAL A 176 9.14 18.66 -9.81
N GLU A 177 9.18 19.91 -10.25
CA GLU A 177 10.43 20.63 -10.42
C GLU A 177 11.09 20.96 -9.08
N ILE A 178 12.42 20.87 -9.05
CA ILE A 178 13.19 21.35 -7.90
C ILE A 178 14.25 22.33 -8.37
N ASN A 179 14.18 23.56 -7.85
CA ASN A 179 15.02 24.65 -8.32
C ASN A 179 16.13 24.98 -7.33
N CYS A 180 17.34 24.51 -7.63
CA CYS A 180 18.46 24.64 -6.71
C CYS A 180 19.47 25.71 -7.16
N THR A 181 19.82 26.60 -6.25
CA THR A 181 20.69 27.72 -6.58
C THR A 181 21.68 28.06 -5.48
N ARG A 182 22.95 28.18 -5.87
CA ARG A 182 23.95 28.85 -5.04
C ARG A 182 24.07 30.26 -5.61
N PRO A 183 23.49 31.24 -4.91
CA PRO A 183 23.48 32.64 -5.38
C PRO A 183 24.88 33.22 -5.55
N SER A 184 25.03 34.11 -6.52
CA SER A 184 26.33 34.71 -6.80
C SER A 184 26.74 35.72 -5.74
N ASN A 185 26.13 36.91 -5.79
CA ASN A 185 26.45 37.97 -4.84
C ASN A 185 25.96 37.66 -3.43
N GLY A 192 27.93 35.90 1.39
CA GLY A 192 28.69 35.73 2.63
C GLY A 192 29.20 34.32 2.81
N ASP A 193 28.39 33.35 2.41
CA ASP A 193 28.76 31.94 2.52
C ASP A 193 28.73 31.30 1.13
N ILE A 194 29.91 31.08 0.56
CA ILE A 194 30.03 30.57 -0.81
C ILE A 194 29.51 29.14 -0.96
N ARG A 195 29.32 28.45 0.16
CA ARG A 195 28.83 27.08 0.13
C ARG A 195 27.35 26.99 0.48
N LYS A 196 26.77 28.12 0.89
CA LYS A 196 25.35 28.16 1.20
C LYS A 196 24.52 28.16 -0.07
N ALA A 197 23.50 27.32 -0.10
CA ALA A 197 22.61 27.23 -1.26
C ALA A 197 21.21 26.82 -0.80
N TYR A 198 20.29 26.72 -1.77
CA TYR A 198 18.93 26.35 -1.44
C TYR A 198 18.19 25.73 -2.64
N CYS A 199 17.16 24.95 -2.33
CA CYS A 199 16.32 24.35 -3.36
C CYS A 199 14.86 24.75 -3.15
N GLU A 200 14.24 25.31 -4.18
CA GLU A 200 12.85 25.72 -4.11
C GLU A 200 11.94 24.71 -4.80
N ILE A 201 10.83 24.39 -4.14
CA ILE A 201 9.86 23.44 -4.65
C ILE A 201 8.46 23.94 -4.36
N ASN A 202 7.56 23.87 -5.34
CA ASN A 202 6.18 24.30 -5.17
C ASN A 202 5.42 23.34 -4.24
N GLY A 203 5.10 23.79 -3.02
CA GLY A 203 4.49 22.96 -2.00
C GLY A 203 3.16 22.34 -2.43
N THR A 204 2.42 23.06 -3.26
CA THR A 204 1.13 22.57 -3.74
C THR A 204 1.30 21.31 -4.57
N LYS A 205 2.21 21.35 -5.54
CA LYS A 205 2.51 20.20 -6.38
C LYS A 205 3.06 19.03 -5.56
N TRP A 206 4.05 19.31 -4.73
CA TRP A 206 4.74 18.28 -3.97
C TRP A 206 3.81 17.53 -3.02
N ASN A 207 3.05 18.28 -2.23
CA ASN A 207 2.12 17.67 -1.27
C ASN A 207 1.02 16.88 -1.95
N LYS A 208 0.63 17.34 -3.14
CA LYS A 208 -0.38 16.64 -3.92
C LYS A 208 0.15 15.30 -4.41
N VAL A 209 1.41 15.32 -4.88
CA VAL A 209 2.06 14.11 -5.37
C VAL A 209 2.37 13.14 -4.23
N LEU A 210 2.88 13.67 -3.13
CA LEU A 210 3.23 12.84 -1.97
C LEU A 210 1.99 12.16 -1.38
N LYS A 211 0.84 12.83 -1.50
CA LYS A 211 -0.42 12.25 -1.06
C LYS A 211 -0.84 11.11 -1.97
N GLN A 212 -0.58 11.27 -3.28
CA GLN A 212 -0.85 10.22 -4.25
C GLN A 212 0.04 9.00 -4.01
N VAL A 213 1.30 9.26 -3.63
CA VAL A 213 2.23 8.19 -3.30
C VAL A 213 1.75 7.46 -2.04
N THR A 214 1.23 8.23 -1.10
CA THR A 214 0.68 7.69 0.14
C THR A 214 -0.44 6.69 -0.13
N GLU A 215 -1.37 7.09 -0.99
CA GLU A 215 -2.50 6.23 -1.35
C GLU A 215 -2.05 4.98 -2.09
N LYS A 216 -1.01 5.11 -2.90
CA LYS A 216 -0.49 3.97 -3.66
C LYS A 216 0.22 2.99 -2.73
N LEU A 217 0.93 3.51 -1.74
CA LEU A 217 1.59 2.67 -0.75
C LEU A 217 0.58 1.90 0.10
N LYS A 218 -0.58 2.50 0.35
CA LYS A 218 -1.64 1.84 1.10
C LYS A 218 -2.13 0.58 0.39
N GLU A 219 -2.13 0.62 -0.94
CA GLU A 219 -2.55 -0.53 -1.73
C GLU A 219 -1.59 -1.71 -1.58
N HIS A 220 -0.32 -1.40 -1.29
CA HIS A 220 0.69 -2.43 -1.14
C HIS A 220 0.89 -2.85 0.32
N PHE A 221 0.32 -2.09 1.24
CA PHE A 221 0.48 -2.38 2.66
C PHE A 221 -0.84 -2.53 3.40
N ASN A 222 -1.81 -3.18 2.76
CA ASN A 222 -3.06 -3.56 3.40
C ASN A 222 -3.82 -2.39 4.06
N ASN A 223 -3.79 -1.23 3.41
CA ASN A 223 -4.48 -0.04 3.90
C ASN A 223 -4.01 0.47 5.26
N LYS A 224 -2.78 0.19 5.62
CA LYS A 224 -2.20 0.72 6.84
C LYS A 224 -1.93 2.21 6.68
N THR A 225 -1.77 2.92 7.80
CA THR A 225 -1.50 4.35 7.76
C THR A 225 -0.06 4.63 7.37
N ILE A 226 0.11 5.39 6.30
CA ILE A 226 1.45 5.69 5.77
C ILE A 226 2.01 6.99 6.35
N ILE A 227 3.16 6.90 7.00
CA ILE A 227 3.78 8.06 7.62
C ILE A 227 5.17 8.31 7.05
N PHE A 228 5.45 9.55 6.67
CA PHE A 228 6.78 9.93 6.21
C PHE A 228 7.57 10.60 7.33
N GLN A 229 8.84 10.23 7.45
CA GLN A 229 9.71 10.85 8.44
C GLN A 229 11.10 11.06 7.83
N PRO A 230 11.81 12.10 8.30
CA PRO A 230 13.20 12.31 7.87
C PRO A 230 14.09 11.19 8.38
N PRO A 231 15.19 10.91 7.68
CA PRO A 231 16.13 9.85 8.06
C PRO A 231 16.61 10.00 9.50
N SER A 232 16.72 8.88 10.21
CA SER A 232 17.10 8.90 11.62
C SER A 232 18.59 9.22 11.80
N GLY A 233 19.44 8.48 11.08
CA GLY A 233 20.87 8.68 11.16
C GLY A 233 21.57 8.20 9.91
N GLY A 234 22.91 8.20 9.95
CA GLY A 234 23.70 7.77 8.82
C GLY A 234 24.53 8.89 8.25
N ASP A 235 25.21 8.61 7.14
CA ASP A 235 26.06 9.61 6.50
C ASP A 235 25.23 10.68 5.79
N LEU A 236 25.85 11.84 5.54
CA LEU A 236 25.16 12.98 4.96
C LEU A 236 24.59 12.69 3.57
N GLU A 237 25.20 11.75 2.86
CA GLU A 237 24.75 11.38 1.53
C GLU A 237 23.37 10.72 1.56
N ILE A 238 23.01 10.17 2.72
CA ILE A 238 21.75 9.44 2.86
C ILE A 238 20.71 10.26 3.60
N THR A 239 21.14 10.95 4.65
CA THR A 239 20.23 11.76 5.46
C THR A 239 19.78 13.00 4.70
N MET A 240 20.56 13.40 3.70
CA MET A 240 20.24 14.55 2.89
C MET A 240 20.13 14.17 1.41
N HIS A 241 19.38 14.96 0.66
CA HIS A 241 19.30 14.79 -0.78
C HIS A 241 20.60 15.28 -1.41
N SER A 242 21.45 14.34 -1.82
CA SER A 242 22.71 14.69 -2.43
C SER A 242 22.65 14.51 -3.95
N PHE A 243 23.28 15.43 -4.66
CA PHE A 243 23.33 15.38 -6.12
C PHE A 243 24.45 16.28 -6.63
N ASN A 244 24.76 16.17 -7.91
CA ASN A 244 25.80 17.00 -8.52
C ASN A 244 25.23 17.99 -9.52
N CYS A 245 25.49 19.27 -9.28
CA CYS A 245 25.04 20.33 -10.17
C CYS A 245 26.23 21.15 -10.68
N ARG A 246 26.45 21.10 -11.99
CA ARG A 246 27.54 21.81 -12.65
C ARG A 246 28.92 21.45 -12.10
N GLY A 247 29.09 20.19 -11.69
CA GLY A 247 30.35 19.74 -11.14
C GLY A 247 30.39 19.87 -9.63
N GLU A 248 29.43 20.61 -9.07
CA GLU A 248 29.40 20.87 -7.64
C GLU A 248 28.48 19.89 -6.91
N PHE A 249 28.94 19.38 -5.77
CA PHE A 249 28.15 18.45 -4.97
C PHE A 249 27.25 19.19 -3.99
N PHE A 250 25.93 19.03 -4.18
CA PHE A 250 24.95 19.70 -3.32
C PHE A 250 24.34 18.73 -2.31
N TYR A 251 24.25 19.17 -1.06
CA TYR A 251 23.59 18.39 0.00
C TYR A 251 22.44 19.19 0.57
N CYS A 252 21.21 18.71 0.37
CA CYS A 252 20.03 19.45 0.78
C CYS A 252 19.20 18.78 1.87
N ASN A 253 18.72 19.58 2.81
CA ASN A 253 17.88 19.10 3.90
C ASN A 253 16.44 18.95 3.41
N THR A 254 15.94 17.71 3.41
CA THR A 254 14.61 17.44 2.88
C THR A 254 13.55 17.20 3.96
N THR A 255 13.82 17.71 5.16
CA THR A 255 12.87 17.59 6.27
C THR A 255 11.51 18.18 5.93
N GLN A 256 11.51 19.32 5.26
CA GLN A 256 10.28 20.00 4.87
C GLN A 256 9.46 19.19 3.86
N LEU A 257 10.16 18.42 3.02
CA LEU A 257 9.49 17.61 2.02
C LEU A 257 8.75 16.41 2.62
N PHE A 258 9.33 15.83 3.65
CA PHE A 258 8.74 14.65 4.28
C PHE A 258 8.21 15.00 5.67
N ASN A 259 7.21 15.87 5.68
CA ASN A 259 6.61 16.42 6.87
C ASN A 259 5.10 16.21 6.80
N ASN A 260 4.63 15.11 7.39
CA ASN A 260 3.27 14.60 7.18
C ASN A 260 2.11 15.58 7.37
N THR A 261 2.36 16.72 7.98
CA THR A 261 1.30 17.67 8.33
C THR A 261 0.55 18.23 7.11
N CYS A 262 1.29 18.52 6.04
CA CYS A 262 0.68 19.09 4.84
C CYS A 262 0.11 18.04 3.90
N ILE A 263 -0.69 17.11 4.45
CA ILE A 263 -1.36 16.10 3.65
C ILE A 263 -2.84 16.03 3.98
N ASN A 272 1.20 25.23 1.25
CA ASN A 272 0.87 25.32 -0.17
C ASN A 272 1.78 26.28 -0.92
N GLY A 273 2.57 27.05 -0.17
CA GLY A 273 3.50 28.00 -0.77
C GLY A 273 4.77 27.34 -1.24
N THR A 274 5.77 28.15 -1.57
CA THR A 274 7.05 27.63 -2.02
C THR A 274 7.88 27.06 -0.87
N ILE A 275 8.35 25.83 -1.05
CA ILE A 275 9.21 25.19 -0.07
C ILE A 275 10.67 25.44 -0.38
N THR A 276 11.36 26.16 0.50
CA THR A 276 12.78 26.44 0.33
C THR A 276 13.62 25.54 1.22
N LEU A 277 14.31 24.58 0.61
CA LEU A 277 15.18 23.66 1.33
C LEU A 277 16.57 24.26 1.53
N PRO A 278 17.09 24.21 2.77
CA PRO A 278 18.46 24.67 3.01
C PRO A 278 19.47 23.65 2.47
N CYS A 279 20.44 24.14 1.69
CA CYS A 279 21.44 23.26 1.08
C CYS A 279 22.85 23.79 1.30
N LYS A 280 23.84 22.91 1.14
CA LYS A 280 25.24 23.33 1.18
C LYS A 280 26.06 22.57 0.16
N ILE A 281 27.01 23.26 -0.46
CA ILE A 281 27.95 22.60 -1.37
C ILE A 281 29.11 22.03 -0.56
N LYS A 282 29.28 20.71 -0.63
CA LYS A 282 30.34 20.05 0.11
C LYS A 282 31.53 19.69 -0.77
N GLN A 283 32.73 19.95 -0.27
CA GLN A 283 33.95 19.57 -0.95
C GLN A 283 34.35 18.15 -0.58
N ILE A 284 34.08 17.77 0.66
CA ILE A 284 34.42 16.44 1.15
C ILE A 284 33.22 15.51 1.05
N ILE A 285 33.41 14.39 0.35
CA ILE A 285 32.30 13.50 0.02
C ILE A 285 32.65 12.03 0.23
N ASN A 286 31.72 11.26 0.80
CA ASN A 286 31.80 9.81 0.74
C ASN A 286 31.46 9.37 -0.68
N MET A 287 32.44 8.78 -1.36
CA MET A 287 32.29 8.41 -2.76
C MET A 287 31.24 7.33 -2.98
N TRP A 288 30.34 7.56 -3.92
CA TRP A 288 29.28 6.61 -4.23
C TRP A 288 29.83 5.36 -4.90
N GLN A 289 31.06 5.44 -5.41
CA GLN A 289 31.70 4.31 -6.05
C GLN A 289 32.03 3.21 -5.05
N GLY A 290 32.05 3.56 -3.77
CA GLY A 290 32.31 2.60 -2.72
C GLY A 290 33.75 2.56 -2.26
N THR A 291 34.55 3.48 -2.78
CA THR A 291 35.96 3.55 -2.44
C THR A 291 36.26 4.07 -1.03
N GLY A 292 36.16 5.37 -0.83
CA GLY A 292 36.39 5.97 0.47
C GLY A 292 35.85 7.39 0.50
N GLN A 293 36.72 8.33 0.84
CA GLN A 293 36.34 9.75 0.87
C GLN A 293 37.17 10.55 -0.13
N ALA A 294 36.62 11.67 -0.57
CA ALA A 294 37.31 12.51 -1.55
C ALA A 294 37.06 14.00 -1.28
N MET A 295 38.04 14.82 -1.57
CA MET A 295 37.90 16.26 -1.42
C MET A 295 38.06 16.98 -2.75
N TYR A 296 37.11 17.84 -3.08
CA TYR A 296 37.15 18.61 -4.32
C TYR A 296 37.43 20.07 -4.03
N ALA A 297 37.67 20.83 -5.11
CA ALA A 297 37.92 22.25 -4.99
C ALA A 297 36.65 23.00 -4.59
N PRO A 298 36.81 24.16 -3.93
CA PRO A 298 35.68 25.03 -3.56
C PRO A 298 34.86 25.45 -4.78
N PRO A 299 33.59 25.85 -4.56
CA PRO A 299 32.67 26.21 -5.65
C PRO A 299 33.23 27.27 -6.60
N ILE A 300 32.77 27.23 -7.84
CA ILE A 300 33.12 28.25 -8.82
C ILE A 300 32.42 29.56 -8.46
N ASP A 301 32.90 30.67 -9.01
CA ASP A 301 32.26 31.96 -8.80
C ASP A 301 30.99 32.07 -9.62
N GLY A 302 30.12 33.02 -9.25
CA GLY A 302 28.90 33.26 -9.98
C GLY A 302 27.74 32.40 -9.53
N LYS A 303 26.62 32.54 -10.22
CA LYS A 303 25.40 31.81 -9.88
C LYS A 303 25.48 30.36 -10.35
N ILE A 304 25.31 29.44 -9.41
CA ILE A 304 25.27 28.01 -9.72
C ILE A 304 23.84 27.51 -9.58
N ASN A 305 23.23 27.16 -10.72
CA ASN A 305 21.81 26.81 -10.73
C ASN A 305 21.49 25.56 -11.55
N CYS A 306 20.64 24.70 -10.99
CA CYS A 306 20.16 23.52 -11.69
C CYS A 306 18.67 23.33 -11.42
N VAL A 307 17.89 23.32 -12.50
CA VAL A 307 16.46 23.04 -12.39
C VAL A 307 16.20 21.62 -12.88
N SER A 308 15.82 20.75 -11.97
CA SER A 308 15.62 19.34 -12.29
C SER A 308 14.17 18.93 -12.09
N ASN A 309 13.75 17.87 -12.83
CA ASN A 309 12.47 17.23 -12.53
C ASN A 309 12.69 16.11 -11.54
N ILE A 310 11.87 16.07 -10.49
CA ILE A 310 11.81 14.92 -9.60
C ILE A 310 10.89 13.90 -10.25
N THR A 311 11.46 12.74 -10.61
CA THR A 311 10.70 11.72 -11.32
C THR A 311 10.56 10.44 -10.50
N GLY A 312 11.23 10.41 -9.35
CA GLY A 312 11.20 9.24 -8.49
C GLY A 312 11.75 9.48 -7.10
N ILE A 313 11.36 8.62 -6.17
CA ILE A 313 11.82 8.72 -4.78
C ILE A 313 12.35 7.37 -4.29
N LEU A 314 13.47 7.40 -3.57
CA LEU A 314 14.02 6.21 -2.94
C LEU A 314 13.63 6.20 -1.46
N LEU A 315 12.94 5.15 -1.04
CA LEU A 315 12.44 5.09 0.33
C LEU A 315 12.98 3.88 1.11
N THR A 316 13.08 4.05 2.41
CA THR A 316 13.41 2.96 3.32
C THR A 316 12.32 2.88 4.38
N ARG A 317 11.73 1.70 4.54
CA ARG A 317 10.67 1.49 5.51
C ARG A 317 11.21 1.03 6.85
N ASP A 318 10.70 1.61 7.93
CA ASP A 318 11.12 1.23 9.28
C ASP A 318 10.67 -0.19 9.62
N GLY A 319 11.45 -0.87 10.45
CA GLY A 319 11.07 -2.17 10.95
C GLY A 319 10.38 -2.04 12.29
N GLY A 320 9.81 -3.14 12.78
CA GLY A 320 9.20 -3.16 14.09
C GLY A 320 7.83 -2.49 14.16
N ALA A 321 7.12 -2.49 13.05
CA ALA A 321 5.81 -1.83 13.00
C ALA A 321 4.66 -2.82 12.76
N ASN A 322 4.98 -4.10 12.79
CA ASN A 322 4.00 -5.16 12.51
C ASN A 322 2.81 -5.16 13.47
N ASN A 323 3.05 -4.76 14.72
CA ASN A 323 2.00 -4.75 15.72
C ASN A 323 1.30 -3.40 15.85
N THR A 324 1.51 -2.53 14.87
CA THR A 324 0.85 -1.22 14.84
C THR A 324 0.14 -1.02 13.51
N SER A 325 -0.64 0.04 13.41
CA SER A 325 -1.40 0.32 12.19
C SER A 325 -0.64 1.26 11.26
N ASN A 326 0.56 1.65 11.68
CA ASN A 326 1.38 2.57 10.90
C ASN A 326 2.55 1.89 10.20
N GLU A 327 2.93 2.44 9.05
CA GLU A 327 4.19 2.08 8.39
C GLU A 327 4.94 3.36 8.11
N THR A 328 6.18 3.44 8.57
CA THR A 328 6.97 4.66 8.44
C THR A 328 8.00 4.55 7.32
N PHE A 329 7.99 5.53 6.43
CA PHE A 329 8.92 5.54 5.30
C PHE A 329 9.83 6.75 5.39
N ARG A 330 11.12 6.54 5.12
CA ARG A 330 12.11 7.61 5.15
C ARG A 330 12.90 7.61 3.84
N PRO A 331 13.22 8.81 3.33
CA PRO A 331 14.00 8.93 2.09
C PRO A 331 15.40 8.35 2.29
N GLY A 332 15.87 7.57 1.32
CA GLY A 332 17.14 6.89 1.45
C GLY A 332 17.95 6.83 0.17
N GLY A 333 18.63 5.71 -0.04
CA GLY A 333 19.47 5.54 -1.22
C GLY A 333 20.90 5.24 -0.85
N GLY A 334 21.82 5.62 -1.74
CA GLY A 334 23.24 5.34 -1.53
C GLY A 334 23.75 4.34 -2.53
N ASN A 335 22.90 3.38 -2.87
CA ASN A 335 23.22 2.42 -3.92
C ASN A 335 22.80 2.97 -5.28
N ILE A 336 23.78 3.52 -6.00
CA ILE A 336 23.52 4.20 -7.27
C ILE A 336 22.99 3.24 -8.33
N LYS A 337 23.20 1.94 -8.12
CA LYS A 337 22.65 0.93 -9.02
C LYS A 337 21.13 0.99 -9.04
N ASP A 338 20.53 1.34 -7.90
CA ASP A 338 19.08 1.54 -7.82
C ASP A 338 18.62 2.65 -8.75
N ASN A 339 19.46 3.67 -8.95
CA ASN A 339 19.15 4.74 -9.88
C ASN A 339 19.06 4.23 -11.31
N TRP A 340 19.96 3.33 -11.68
CA TRP A 340 19.95 2.77 -13.03
C TRP A 340 18.81 1.76 -13.19
N ARG A 341 18.49 1.06 -12.11
CA ARG A 341 17.36 0.13 -12.10
C ARG A 341 16.06 0.86 -12.40
N SER A 342 15.95 2.09 -11.89
CA SER A 342 14.73 2.88 -12.07
C SER A 342 14.47 3.23 -13.54
N GLU A 343 15.50 3.06 -14.38
CA GLU A 343 15.37 3.33 -15.80
C GLU A 343 15.50 2.07 -16.64
N LEU A 344 16.16 1.05 -16.09
CA LEU A 344 16.43 -0.19 -16.83
C LEU A 344 15.48 -1.33 -16.47
N TYR A 345 14.45 -1.03 -15.68
CA TYR A 345 13.57 -2.05 -15.14
C TYR A 345 12.81 -2.86 -16.21
N LYS A 346 12.53 -2.23 -17.35
CA LYS A 346 11.70 -2.86 -18.38
C LYS A 346 12.50 -3.60 -19.44
N TYR A 347 13.82 -3.65 -19.27
CA TYR A 347 14.67 -4.28 -20.28
C TYR A 347 15.35 -5.54 -19.76
N LYS A 348 15.60 -6.48 -20.67
CA LYS A 348 16.44 -7.63 -20.39
C LYS A 348 17.05 -8.15 -21.69
N VAL A 349 18.23 -8.74 -21.58
CA VAL A 349 18.94 -9.23 -22.76
C VAL A 349 18.66 -10.72 -22.98
N VAL A 350 18.33 -11.08 -24.22
CA VAL A 350 18.20 -12.48 -24.59
C VAL A 350 19.12 -12.81 -25.76
N GLN A 351 19.54 -14.07 -25.83
CA GLN A 351 20.40 -14.53 -26.92
C GLN A 351 19.56 -15.15 -28.03
N ILE A 352 19.67 -14.58 -29.23
CA ILE A 352 18.93 -15.09 -30.38
C ILE A 352 19.55 -16.36 -30.93
N GLU A 353 18.75 -17.42 -31.00
CA GLU A 353 19.22 -18.72 -31.44
C GLU A 353 18.44 -19.22 -32.65
N VAL B 1 -30.73 -16.46 -21.01
CA VAL B 1 -31.56 -16.52 -19.81
C VAL B 1 -30.75 -17.08 -18.65
N TRP B 2 -31.14 -16.75 -17.42
CA TRP B 2 -30.46 -17.23 -16.24
C TRP B 2 -31.43 -17.51 -15.10
N LYS B 3 -30.99 -18.26 -14.11
CA LYS B 3 -31.79 -18.56 -12.94
C LYS B 3 -30.93 -18.51 -11.68
N ASP B 4 -31.55 -18.19 -10.54
CA ASP B 4 -30.84 -18.16 -9.27
C ASP B 4 -30.38 -19.56 -8.90
N ALA B 5 -29.08 -19.71 -8.64
CA ALA B 5 -28.52 -21.02 -8.35
C ALA B 5 -27.41 -20.95 -7.31
N ASP B 6 -27.12 -22.10 -6.70
CA ASP B 6 -26.01 -22.21 -5.76
C ASP B 6 -24.96 -23.16 -6.33
N THR B 7 -23.71 -22.73 -6.32
CA THR B 7 -22.62 -23.54 -6.83
C THR B 7 -21.35 -23.34 -6.01
N THR B 8 -20.31 -24.10 -6.34
CA THR B 8 -19.03 -24.01 -5.64
C THR B 8 -18.25 -22.79 -6.12
N LEU B 9 -18.13 -21.79 -5.25
CA LEU B 9 -17.36 -20.59 -5.56
C LEU B 9 -15.87 -20.83 -5.29
N PHE B 10 -15.03 -20.07 -5.96
CA PHE B 10 -13.61 -20.06 -5.63
C PHE B 10 -13.20 -18.65 -5.20
N CYS B 11 -12.04 -18.54 -4.58
CA CYS B 11 -11.58 -17.24 -4.11
C CYS B 11 -10.36 -16.74 -4.87
N ALA B 12 -10.16 -15.42 -4.84
CA ALA B 12 -8.98 -14.82 -5.43
C ALA B 12 -8.44 -13.75 -4.50
N SER B 13 -7.11 -13.60 -4.48
CA SER B 13 -6.48 -12.64 -3.59
C SER B 13 -5.08 -12.24 -4.10
N ASP B 14 -4.49 -11.26 -3.44
CA ASP B 14 -3.14 -10.82 -3.75
C ASP B 14 -2.18 -11.24 -2.63
N ALA B 15 -2.39 -12.44 -2.10
CA ALA B 15 -1.56 -12.95 -1.01
C ALA B 15 -0.14 -13.25 -1.48
N LYS B 16 0.80 -13.25 -0.53
CA LYS B 16 2.19 -13.55 -0.83
C LYS B 16 2.57 -14.93 -0.31
N ALA B 17 3.31 -15.69 -1.11
CA ALA B 17 3.64 -17.07 -0.79
C ALA B 17 4.82 -17.20 0.19
N HIS B 18 5.37 -16.07 0.60
CA HIS B 18 6.50 -16.09 1.53
C HIS B 18 6.09 -15.61 2.93
N GLU B 19 4.89 -15.05 3.02
CA GLU B 19 4.40 -14.50 4.29
C GLU B 19 4.09 -15.58 5.32
N THR B 20 4.42 -15.29 6.58
CA THR B 20 4.02 -16.16 7.68
C THR B 20 2.66 -15.72 8.23
N GLU B 21 2.20 -14.55 7.78
CA GLU B 21 0.89 -14.04 8.17
C GLU B 21 -0.19 -15.02 7.71
N VAL B 22 -1.09 -15.38 8.62
CA VAL B 22 -2.00 -16.51 8.42
C VAL B 22 -2.99 -16.37 7.27
N HIS B 23 -3.53 -15.17 7.06
CA HIS B 23 -4.46 -14.94 5.96
C HIS B 23 -3.76 -15.14 4.62
N ASN B 24 -2.53 -14.63 4.51
CA ASN B 24 -1.73 -14.83 3.32
C ASN B 24 -1.46 -16.30 3.05
N VAL B 25 -1.07 -17.03 4.09
CA VAL B 25 -0.79 -18.45 3.99
C VAL B 25 -2.00 -19.22 3.49
N TRP B 26 -3.15 -18.97 4.12
CA TRP B 26 -4.38 -19.66 3.74
C TRP B 26 -4.77 -19.35 2.30
N ALA B 27 -4.71 -18.07 1.92
CA ALA B 27 -5.09 -17.65 0.58
C ALA B 27 -4.10 -18.15 -0.48
N THR B 28 -2.84 -18.29 -0.09
CA THR B 28 -1.82 -18.84 -0.98
C THR B 28 -2.18 -20.26 -1.39
N HIS B 29 -2.75 -21.00 -0.45
CA HIS B 29 -3.11 -22.40 -0.68
C HIS B 29 -4.54 -22.58 -1.15
N ALA B 30 -5.41 -21.60 -0.85
CA ALA B 30 -6.83 -21.76 -1.13
C ALA B 30 -7.37 -20.88 -2.27
N CYS B 31 -6.59 -19.90 -2.68
CA CYS B 31 -7.07 -18.94 -3.69
C CYS B 31 -6.16 -18.83 -4.91
N VAL B 32 -6.68 -18.17 -5.94
CA VAL B 32 -5.93 -17.89 -7.17
C VAL B 32 -5.61 -16.40 -7.22
N PRO B 33 -4.72 -15.98 -8.15
CA PRO B 33 -4.48 -14.54 -8.28
C PRO B 33 -5.71 -13.77 -8.76
N THR B 34 -5.79 -12.49 -8.41
CA THR B 34 -6.89 -11.64 -8.85
C THR B 34 -6.70 -11.21 -10.30
N ASP B 35 -7.78 -10.74 -10.91
CA ASP B 35 -7.73 -10.18 -12.26
C ASP B 35 -7.51 -8.68 -12.16
N PRO B 36 -6.40 -8.19 -12.74
CA PRO B 36 -6.08 -6.75 -12.70
C PRO B 36 -7.09 -5.92 -13.49
N ASN B 37 -7.69 -6.51 -14.52
CA ASN B 37 -8.70 -5.83 -15.31
C ASN B 37 -9.97 -6.66 -15.48
N PRO B 38 -10.77 -6.76 -14.41
CA PRO B 38 -12.00 -7.55 -14.43
C PRO B 38 -13.07 -6.93 -15.31
N GLN B 39 -13.90 -7.77 -15.91
CA GLN B 39 -14.96 -7.31 -16.81
C GLN B 39 -16.29 -7.18 -16.09
N GLU B 40 -16.91 -6.00 -16.20
CA GLU B 40 -18.22 -5.77 -15.61
C GLU B 40 -19.22 -5.33 -16.67
N ILE B 41 -20.29 -6.11 -16.81
CA ILE B 41 -21.31 -5.84 -17.82
C ILE B 41 -22.62 -5.38 -17.18
N HIS B 42 -23.00 -4.13 -17.45
CA HIS B 42 -24.27 -3.61 -16.97
C HIS B 42 -25.42 -4.19 -17.80
N LEU B 43 -26.30 -4.93 -17.14
CA LEU B 43 -27.44 -5.53 -17.81
C LEU B 43 -28.54 -4.49 -18.03
N GLU B 44 -28.74 -4.11 -19.29
CA GLU B 44 -29.65 -3.02 -19.64
C GLU B 44 -31.12 -3.36 -19.36
N ASN B 45 -31.77 -2.50 -18.60
CA ASN B 45 -33.18 -2.65 -18.25
C ASN B 45 -33.54 -4.00 -17.63
N VAL B 46 -32.59 -4.57 -16.89
CA VAL B 46 -32.83 -5.84 -16.22
C VAL B 46 -33.07 -5.63 -14.73
N THR B 47 -34.32 -5.80 -14.32
CA THR B 47 -34.68 -5.68 -12.91
C THR B 47 -34.61 -7.04 -12.24
N GLU B 48 -33.72 -7.18 -11.27
CA GLU B 48 -33.47 -8.47 -10.64
C GLU B 48 -33.74 -8.43 -9.13
N ASN B 49 -34.25 -9.53 -8.60
CA ASN B 49 -34.55 -9.61 -7.17
C ASN B 49 -33.39 -10.17 -6.35
N PHE B 50 -33.16 -9.57 -5.19
CA PHE B 50 -32.09 -9.98 -4.30
C PHE B 50 -32.59 -10.28 -2.90
N ASN B 51 -31.84 -11.07 -2.15
CA ASN B 51 -32.13 -11.32 -0.75
C ASN B 51 -30.86 -11.64 0.02
N MET B 52 -30.38 -10.67 0.79
CA MET B 52 -29.13 -10.80 1.51
C MET B 52 -29.22 -11.78 2.69
N TRP B 53 -30.44 -12.10 3.09
CA TRP B 53 -30.65 -12.93 4.28
C TRP B 53 -30.72 -14.42 3.97
N LYS B 54 -30.97 -14.75 2.71
CA LYS B 54 -30.86 -16.14 2.26
C LYS B 54 -29.90 -16.24 1.05
N ASN B 55 -28.62 -16.04 1.32
CA ASN B 55 -27.60 -16.03 0.29
C ASN B 55 -26.49 -17.03 0.60
N ASN B 56 -26.39 -18.07 -0.22
CA ASN B 56 -25.41 -19.14 0.00
C ASN B 56 -23.97 -18.65 -0.07
N MET B 57 -23.74 -17.48 -0.65
CA MET B 57 -22.41 -16.88 -0.69
C MET B 57 -21.93 -16.58 0.73
N VAL B 58 -22.88 -16.24 1.60
CA VAL B 58 -22.56 -15.95 3.01
C VAL B 58 -22.06 -17.21 3.72
N GLU B 59 -22.79 -18.31 3.56
CA GLU B 59 -22.40 -19.59 4.15
C GLU B 59 -21.01 -20.01 3.67
N GLN B 60 -20.76 -19.86 2.37
CA GLN B 60 -19.48 -20.27 1.80
C GLN B 60 -18.31 -19.44 2.29
N MET B 61 -18.52 -18.14 2.51
CA MET B 61 -17.48 -17.31 3.08
C MET B 61 -17.23 -17.71 4.53
N GLN B 62 -18.31 -17.95 5.25
CA GLN B 62 -18.25 -18.41 6.63
C GLN B 62 -17.40 -19.68 6.74
N GLU B 63 -17.60 -20.60 5.80
CA GLU B 63 -16.85 -21.86 5.78
C GLU B 63 -15.34 -21.63 5.60
N ASP B 64 -14.98 -20.66 4.77
CA ASP B 64 -13.57 -20.31 4.58
C ASP B 64 -12.96 -19.77 5.87
N VAL B 65 -13.63 -18.80 6.48
CA VAL B 65 -13.12 -18.14 7.68
C VAL B 65 -12.98 -19.14 8.82
N ILE B 66 -13.96 -20.04 8.95
CA ILE B 66 -13.89 -21.11 9.94
C ILE B 66 -12.68 -21.98 9.67
N SER B 67 -12.46 -22.29 8.40
CA SER B 67 -11.31 -23.09 7.98
C SER B 67 -10.00 -22.36 8.27
N LEU B 68 -9.99 -21.06 7.99
CA LEU B 68 -8.82 -20.23 8.24
C LEU B 68 -8.51 -20.18 9.73
N TRP B 69 -9.54 -19.97 10.54
CA TRP B 69 -9.37 -19.84 11.99
C TRP B 69 -8.98 -21.15 12.66
N ASP B 70 -9.54 -22.26 12.20
CA ASP B 70 -9.24 -23.57 12.77
C ASP B 70 -7.76 -23.95 12.58
N GLN B 71 -7.20 -23.51 11.46
CA GLN B 71 -5.82 -23.87 11.12
C GLN B 71 -4.81 -22.88 11.69
N SER B 72 -5.26 -21.66 11.97
CA SER B 72 -4.35 -20.58 12.31
C SER B 72 -4.37 -20.22 13.80
N LEU B 73 -5.56 -20.23 14.39
CA LEU B 73 -5.73 -19.75 15.76
C LEU B 73 -5.99 -20.88 16.74
N GLN B 74 -5.03 -21.78 16.87
CA GLN B 74 -5.14 -22.87 17.84
C GLN B 74 -4.62 -22.44 19.21
N PRO B 75 -5.45 -22.59 20.24
CA PRO B 75 -5.12 -22.19 21.61
C PRO B 75 -4.12 -23.12 22.28
N CYS B 76 -3.60 -22.70 23.44
CA CYS B 76 -2.71 -23.55 24.23
C CYS B 76 -3.49 -24.76 24.70
N VAL B 77 -4.64 -24.51 25.32
CA VAL B 77 -5.55 -25.57 25.72
C VAL B 77 -6.92 -25.30 25.13
N LYS B 78 -7.62 -26.38 24.75
CA LYS B 78 -8.97 -26.25 24.23
C LYS B 78 -9.93 -27.02 25.13
N LEU B 79 -10.99 -26.35 25.58
CA LEU B 79 -11.86 -26.92 26.60
C LEU B 79 -13.32 -27.01 26.18
N THR B 80 -13.60 -27.70 25.08
CA THR B 80 -14.97 -28.02 24.70
C THR B 80 -15.02 -29.31 23.89
N GLY B 81 -16.21 -29.89 23.80
CA GLY B 81 -16.38 -31.20 23.19
C GLY B 81 -16.43 -32.24 24.29
N GLY B 82 -16.23 -31.77 25.52
CA GLY B 82 -16.22 -32.63 26.68
C GLY B 82 -14.84 -33.13 27.03
N SER B 83 -13.84 -32.64 26.30
CA SER B 83 -12.47 -33.10 26.48
C SER B 83 -11.50 -31.97 26.79
N VAL B 84 -10.26 -32.33 27.12
CA VAL B 84 -9.23 -31.37 27.42
C VAL B 84 -7.99 -31.64 26.57
N ILE B 85 -7.64 -30.69 25.71
CA ILE B 85 -6.54 -30.88 24.76
C ILE B 85 -5.44 -29.84 24.92
N LYS B 86 -4.25 -30.30 25.31
CA LYS B 86 -3.09 -29.42 25.44
C LYS B 86 -2.24 -29.50 24.18
N GLN B 87 -1.82 -28.35 23.66
CA GLN B 87 -0.94 -28.33 22.51
C GLN B 87 -0.18 -27.01 22.41
N ALA B 88 0.69 -26.91 21.40
CA ALA B 88 1.49 -25.71 21.19
C ALA B 88 0.63 -24.54 20.76
N CYS B 89 0.99 -23.36 21.23
CA CYS B 89 0.28 -22.13 20.85
C CYS B 89 1.25 -20.98 20.67
N PRO B 90 2.08 -21.03 19.62
CA PRO B 90 3.01 -19.93 19.37
C PRO B 90 2.24 -18.69 18.93
N LYS B 91 2.76 -17.51 19.24
CA LYS B 91 2.16 -16.27 18.79
C LYS B 91 2.25 -16.18 17.27
N ILE B 92 1.18 -15.74 16.63
CA ILE B 92 1.12 -15.71 15.18
C ILE B 92 1.04 -14.30 14.62
N SER B 93 1.27 -14.17 13.32
CA SER B 93 1.12 -12.90 12.62
C SER B 93 -0.28 -12.88 12.02
N PHE B 94 -1.09 -11.93 12.45
CA PHE B 94 -2.51 -11.91 12.11
C PHE B 94 -2.95 -10.53 11.61
N ASP B 95 -3.32 -10.46 10.34
CA ASP B 95 -3.83 -9.22 9.74
C ASP B 95 -4.59 -9.54 8.46
N PRO B 96 -5.92 -9.50 8.51
CA PRO B 96 -6.81 -9.89 7.41
C PRO B 96 -6.53 -9.16 6.09
N ILE B 97 -6.58 -9.90 4.99
CA ILE B 97 -6.39 -9.34 3.66
C ILE B 97 -7.68 -9.49 2.86
N PRO B 98 -7.85 -8.67 1.80
CA PRO B 98 -9.08 -8.77 0.99
C PRO B 98 -9.22 -10.09 0.25
N ILE B 99 -10.40 -10.68 0.29
CA ILE B 99 -10.69 -11.91 -0.44
C ILE B 99 -11.84 -11.68 -1.41
N HIS B 100 -11.60 -11.98 -2.69
CA HIS B 100 -12.64 -11.88 -3.71
C HIS B 100 -13.31 -13.23 -3.89
N TYR B 101 -14.64 -13.24 -3.98
CA TYR B 101 -15.36 -14.48 -4.24
C TYR B 101 -15.90 -14.53 -5.66
N CYS B 102 -15.60 -15.63 -6.35
CA CYS B 102 -15.84 -15.71 -7.79
C CYS B 102 -16.61 -16.96 -8.20
N THR B 103 -17.28 -16.88 -9.35
CA THR B 103 -18.02 -18.01 -9.91
C THR B 103 -17.20 -18.74 -10.97
N PRO B 104 -17.41 -20.07 -11.08
CA PRO B 104 -16.74 -20.86 -12.11
C PRO B 104 -17.44 -20.70 -13.46
N ALA B 105 -17.03 -21.50 -14.44
CA ALA B 105 -17.63 -21.46 -15.77
C ALA B 105 -19.09 -21.90 -15.72
N GLY B 106 -19.96 -21.18 -16.43
CA GLY B 106 -21.37 -21.49 -16.48
C GLY B 106 -22.18 -20.72 -15.46
N TYR B 107 -21.50 -19.95 -14.63
CA TYR B 107 -22.15 -19.16 -13.59
C TYR B 107 -21.66 -17.71 -13.61
N VAL B 108 -22.51 -16.81 -13.10
CA VAL B 108 -22.21 -15.37 -13.09
C VAL B 108 -22.78 -14.72 -11.83
N ILE B 109 -22.00 -13.82 -11.23
CA ILE B 109 -22.49 -13.07 -10.08
C ILE B 109 -23.20 -11.79 -10.53
N LEU B 110 -24.46 -11.66 -10.15
CA LEU B 110 -25.21 -10.44 -10.42
C LEU B 110 -24.98 -9.42 -9.30
N LYS B 111 -24.78 -8.17 -9.68
CA LYS B 111 -24.48 -7.13 -8.71
C LYS B 111 -25.49 -5.98 -8.75
N CYS B 112 -26.17 -5.77 -7.62
CA CYS B 112 -27.12 -4.67 -7.51
C CYS B 112 -26.37 -3.36 -7.25
N ASN B 113 -26.63 -2.37 -8.10
CA ASN B 113 -25.91 -1.10 -8.00
C ASN B 113 -26.78 0.09 -7.59
N ASP B 114 -27.98 -0.20 -7.09
CA ASP B 114 -28.83 0.85 -6.53
C ASP B 114 -28.19 1.36 -5.25
N LYS B 115 -27.89 2.66 -5.22
CA LYS B 115 -27.12 3.23 -4.12
C LYS B 115 -27.96 3.44 -2.85
N ASN B 116 -29.20 2.95 -2.88
CA ASN B 116 -30.07 2.98 -1.71
C ASN B 116 -30.66 1.60 -1.41
N PHE B 117 -29.97 0.56 -1.89
CA PHE B 117 -30.45 -0.81 -1.76
C PHE B 117 -30.37 -1.32 -0.32
N ASN B 118 -31.51 -1.71 0.23
CA ASN B 118 -31.59 -2.16 1.61
C ASN B 118 -31.14 -3.61 1.83
N GLY B 119 -30.88 -4.32 0.74
CA GLY B 119 -30.46 -5.71 0.83
C GLY B 119 -31.51 -6.69 0.35
N THR B 120 -32.78 -6.32 0.48
CA THR B 120 -33.87 -7.18 0.02
C THR B 120 -34.70 -6.48 -1.05
N GLY B 121 -35.44 -7.28 -1.82
CA GLY B 121 -36.31 -6.73 -2.85
C GLY B 121 -35.65 -6.65 -4.20
N PRO B 122 -36.30 -5.95 -5.16
CA PRO B 122 -35.80 -5.82 -6.53
C PRO B 122 -34.72 -4.76 -6.67
N CYS B 123 -33.89 -4.89 -7.70
CA CYS B 123 -32.83 -3.93 -7.99
C CYS B 123 -32.91 -3.52 -9.46
N LYS B 124 -32.82 -2.21 -9.72
CA LYS B 124 -33.01 -1.71 -11.07
C LYS B 124 -31.70 -1.54 -11.86
N ASN B 125 -30.63 -1.41 -11.16
CA ASN B 125 -29.32 -1.24 -11.79
C ASN B 125 -28.44 -2.46 -11.52
N VAL B 126 -28.66 -3.46 -12.33
CA VAL B 126 -27.97 -4.74 -12.14
C VAL B 126 -26.84 -4.91 -13.15
N SER B 127 -25.67 -5.33 -12.66
CA SER B 127 -24.53 -5.59 -13.52
C SER B 127 -24.07 -7.03 -13.41
N SER B 128 -23.07 -7.39 -14.21
CA SER B 128 -22.59 -8.77 -14.27
C SER B 128 -21.08 -8.84 -14.08
N VAL B 129 -20.65 -9.44 -12.97
CA VAL B 129 -19.22 -9.59 -12.68
C VAL B 129 -18.87 -11.03 -12.38
N GLN B 130 -17.58 -11.35 -12.49
CA GLN B 130 -17.10 -12.69 -12.18
C GLN B 130 -16.77 -12.81 -10.70
N CYS B 131 -16.25 -11.73 -10.13
CA CYS B 131 -15.84 -11.72 -8.73
C CYS B 131 -16.43 -10.54 -7.97
N THR B 132 -16.61 -10.71 -6.67
CA THR B 132 -17.04 -9.62 -5.81
C THR B 132 -15.86 -8.71 -5.55
N HIS B 133 -16.11 -7.61 -4.84
CA HIS B 133 -15.02 -6.73 -4.41
C HIS B 133 -14.19 -7.43 -3.34
N GLY B 134 -13.06 -6.84 -2.99
CA GLY B 134 -12.17 -7.41 -1.98
C GLY B 134 -12.75 -7.28 -0.58
N ILE B 135 -12.99 -8.41 0.06
CA ILE B 135 -13.59 -8.43 1.39
C ILE B 135 -12.64 -8.98 2.45
N LYS B 136 -12.34 -8.18 3.45
CA LYS B 136 -11.54 -8.64 4.59
C LYS B 136 -12.41 -9.39 5.59
N PRO B 137 -11.98 -10.63 5.91
CA PRO B 137 -12.75 -11.45 6.86
C PRO B 137 -12.53 -11.01 8.30
N VAL B 138 -12.97 -9.79 8.61
CA VAL B 138 -12.79 -9.24 9.94
C VAL B 138 -13.87 -9.75 10.88
N VAL B 139 -13.46 -10.52 11.90
CA VAL B 139 -14.40 -11.07 12.85
C VAL B 139 -14.56 -10.13 14.05
N SER B 140 -15.77 -9.61 14.22
CA SER B 140 -16.04 -8.67 15.30
C SER B 140 -17.50 -8.70 15.70
N THR B 141 -17.80 -8.13 16.87
CA THR B 141 -19.17 -7.98 17.33
C THR B 141 -19.52 -6.51 17.53
N GLN B 142 -20.81 -6.22 17.65
CA GLN B 142 -21.31 -4.85 17.81
C GLN B 142 -20.92 -3.93 16.65
N LEU B 143 -19.63 -3.65 16.50
CA LEU B 143 -19.14 -2.75 15.46
C LEU B 143 -18.52 -3.51 14.30
N LEU B 144 -18.80 -3.06 13.08
CA LEU B 144 -18.20 -3.63 11.88
C LEU B 144 -17.00 -2.81 11.45
N LEU B 145 -15.86 -3.48 11.24
CA LEU B 145 -14.60 -2.78 11.02
C LEU B 145 -14.00 -3.05 9.63
N ASN B 146 -13.34 -2.02 9.09
CA ASN B 146 -12.65 -2.11 7.80
C ASN B 146 -13.50 -2.64 6.66
N GLY B 147 -14.80 -2.37 6.70
CA GLY B 147 -15.71 -2.83 5.67
C GLY B 147 -15.90 -1.79 4.59
N SER B 148 -17.00 -1.91 3.84
CA SER B 148 -17.33 -0.94 2.81
C SER B 148 -18.39 0.03 3.32
N LEU B 149 -18.40 1.24 2.77
CA LEU B 149 -19.37 2.25 3.17
C LEU B 149 -20.52 2.36 2.17
N ALA B 150 -21.69 2.75 2.66
CA ALA B 150 -22.81 3.06 1.78
C ALA B 150 -22.47 4.32 1.00
N GLU B 151 -22.82 4.35 -0.27
CA GLU B 151 -22.40 5.43 -1.16
C GLU B 151 -23.19 6.73 -0.99
N GLU B 152 -24.41 6.62 -0.48
CA GLU B 152 -25.24 7.81 -0.27
C GLU B 152 -25.74 7.93 1.17
N GLU B 153 -26.99 7.56 1.41
CA GLU B 153 -27.55 7.64 2.75
C GLU B 153 -27.20 6.41 3.59
N ILE B 154 -27.40 6.53 4.90
CA ILE B 154 -27.21 5.41 5.81
C ILE B 154 -28.32 4.39 5.62
N ILE B 155 -27.95 3.13 5.41
CA ILE B 155 -28.91 2.08 5.11
C ILE B 155 -29.20 1.20 6.32
N ILE B 156 -30.49 0.95 6.56
CA ILE B 156 -30.92 0.03 7.61
C ILE B 156 -31.27 -1.32 6.98
N ARG B 157 -30.59 -2.38 7.41
CA ARG B 157 -30.80 -3.70 6.82
C ARG B 157 -31.39 -4.68 7.83
N SER B 158 -32.49 -5.30 7.44
CA SER B 158 -33.14 -6.33 8.26
C SER B 158 -34.01 -7.23 7.40
N GLU B 159 -34.13 -8.49 7.81
CA GLU B 159 -35.00 -9.43 7.10
C GLU B 159 -36.45 -9.05 7.36
N ASN B 160 -36.70 -8.34 8.48
CA ASN B 160 -38.05 -7.96 8.87
C ASN B 160 -37.99 -7.02 10.08
N LEU B 161 -38.03 -5.70 9.81
CA LEU B 161 -37.87 -4.68 10.85
C LEU B 161 -38.90 -4.80 11.97
N THR B 162 -40.04 -5.42 11.68
CA THR B 162 -41.07 -5.62 12.69
C THR B 162 -40.63 -6.73 13.65
N ASN B 163 -39.93 -7.73 13.13
CA ASN B 163 -39.45 -8.84 13.93
C ASN B 163 -38.23 -8.43 14.76
N ASN B 164 -38.42 -8.37 16.08
CA ASN B 164 -37.35 -7.94 16.98
C ASN B 164 -36.27 -8.99 17.19
N ALA B 165 -36.54 -10.22 16.73
CA ALA B 165 -35.57 -11.30 16.83
C ALA B 165 -34.58 -11.23 15.66
N LYS B 166 -34.92 -10.42 14.67
CA LYS B 166 -34.07 -10.26 13.49
C LYS B 166 -32.99 -9.20 13.72
N THR B 167 -31.76 -9.54 13.35
CA THR B 167 -30.62 -8.65 13.51
C THR B 167 -30.70 -7.47 12.56
N ILE B 168 -30.39 -6.27 13.06
CA ILE B 168 -30.39 -5.07 12.26
C ILE B 168 -28.96 -4.67 11.88
N ILE B 169 -28.69 -4.57 10.58
CA ILE B 169 -27.38 -4.15 10.11
C ILE B 169 -27.42 -2.71 9.63
N VAL B 170 -26.73 -1.83 10.36
CA VAL B 170 -26.64 -0.44 9.97
C VAL B 170 -25.41 -0.22 9.08
N HIS B 171 -25.64 0.27 7.87
CA HIS B 171 -24.55 0.54 6.95
C HIS B 171 -24.24 2.03 6.91
N LEU B 172 -23.15 2.42 7.58
CA LEU B 172 -22.74 3.82 7.63
C LEU B 172 -22.25 4.29 6.28
N ASN B 173 -22.37 5.60 6.03
CA ASN B 173 -21.91 6.19 4.78
C ASN B 173 -20.68 7.07 5.01
N LYS B 174 -20.15 7.01 6.23
CA LYS B 174 -18.96 7.78 6.60
C LYS B 174 -18.24 7.08 7.75
N SER B 175 -16.96 6.74 7.52
CA SER B 175 -16.19 5.98 8.50
C SER B 175 -15.88 6.78 9.76
N VAL B 176 -15.86 6.09 10.89
CA VAL B 176 -15.45 6.67 12.15
C VAL B 176 -14.29 5.84 12.71
N GLU B 177 -13.11 6.44 12.78
CA GLU B 177 -11.93 5.75 13.25
C GLU B 177 -12.05 5.31 14.71
N ILE B 178 -11.53 4.12 15.00
CA ILE B 178 -11.41 3.67 16.37
C ILE B 178 -9.98 3.22 16.63
N ASN B 179 -9.34 3.86 17.61
CA ASN B 179 -7.93 3.64 17.87
C ASN B 179 -7.71 2.85 19.15
N CYS B 180 -7.52 1.54 18.99
CA CYS B 180 -7.36 0.65 20.13
C CYS B 180 -5.88 0.35 20.40
N THR B 181 -5.47 0.50 21.65
CA THR B 181 -4.05 0.38 21.99
C THR B 181 -3.81 -0.33 23.32
N ARG B 182 -2.95 -1.34 23.28
CA ARG B 182 -2.34 -1.88 24.50
C ARG B 182 -0.94 -1.29 24.55
N PRO B 183 -0.76 -0.22 25.35
CA PRO B 183 0.50 0.52 25.38
C PRO B 183 1.65 -0.32 25.92
N SER B 184 2.86 -0.04 25.45
CA SER B 184 4.05 -0.68 25.99
C SER B 184 4.28 -0.15 27.41
N ASN B 185 4.64 -1.04 28.32
CA ASN B 185 4.81 -0.70 29.73
C ASN B 185 3.54 -0.08 30.32
N GLY B 192 2.46 -2.32 34.51
CA GLY B 192 1.19 -2.39 35.19
C GLY B 192 0.42 -3.65 34.84
N ASP B 193 -0.79 -3.47 34.30
CA ASP B 193 -1.61 -4.59 33.89
C ASP B 193 -1.49 -4.84 32.39
N ILE B 194 -0.89 -5.98 32.05
CA ILE B 194 -0.58 -6.31 30.65
C ILE B 194 -1.81 -6.64 29.80
N ARG B 195 -2.99 -6.69 30.42
CA ARG B 195 -4.22 -6.99 29.69
C ARG B 195 -5.10 -5.77 29.50
N LYS B 196 -4.79 -4.69 30.24
CA LYS B 196 -5.53 -3.45 30.09
C LYS B 196 -5.23 -2.78 28.76
N ALA B 197 -6.29 -2.42 28.04
CA ALA B 197 -6.17 -1.68 26.79
C ALA B 197 -7.26 -0.63 26.72
N TYR B 198 -7.29 0.13 25.64
CA TYR B 198 -8.30 1.16 25.46
C TYR B 198 -8.50 1.53 23.99
N CYS B 199 -9.70 1.96 23.66
CA CYS B 199 -10.01 2.43 22.31
C CYS B 199 -10.45 3.89 22.33
N GLU B 200 -9.73 4.72 21.59
CA GLU B 200 -10.06 6.14 21.49
C GLU B 200 -10.84 6.46 20.22
N ILE B 201 -11.92 7.22 20.38
CA ILE B 201 -12.77 7.61 19.25
C ILE B 201 -13.08 9.10 19.34
N ASN B 202 -12.98 9.80 18.21
CA ASN B 202 -13.35 11.21 18.14
C ASN B 202 -14.84 11.37 18.49
N GLY B 203 -15.09 11.88 19.68
CA GLY B 203 -16.45 12.00 20.20
C GLY B 203 -17.38 12.84 19.34
N THR B 204 -16.82 13.87 18.70
CA THR B 204 -17.61 14.76 17.85
C THR B 204 -18.15 14.01 16.64
N LYS B 205 -17.30 13.20 16.00
CA LYS B 205 -17.68 12.47 14.80
C LYS B 205 -18.63 11.31 15.09
N TRP B 206 -18.42 10.62 16.20
CA TRP B 206 -19.26 9.49 16.56
C TRP B 206 -20.67 9.90 16.93
N ASN B 207 -20.78 10.87 17.84
CA ASN B 207 -22.08 11.36 18.29
C ASN B 207 -22.92 11.94 17.16
N LYS B 208 -22.22 12.48 16.15
CA LYS B 208 -22.90 13.04 14.98
C LYS B 208 -23.48 11.92 14.12
N VAL B 209 -22.64 10.93 13.82
CA VAL B 209 -23.06 9.78 13.03
C VAL B 209 -24.14 9.00 13.75
N LEU B 210 -23.97 8.82 15.06
CA LEU B 210 -24.95 8.12 15.88
C LEU B 210 -26.31 8.83 15.83
N LYS B 211 -26.28 10.16 15.83
CA LYS B 211 -27.51 10.94 15.72
C LYS B 211 -28.14 10.74 14.36
N GLN B 212 -27.31 10.65 13.32
CA GLN B 212 -27.79 10.39 11.98
C GLN B 212 -28.40 8.99 11.88
N VAL B 213 -27.90 8.09 12.72
CA VAL B 213 -28.44 6.73 12.78
C VAL B 213 -29.80 6.74 13.47
N THR B 214 -29.93 7.55 14.52
CA THR B 214 -31.19 7.67 15.25
C THR B 214 -32.29 8.23 14.35
N GLU B 215 -31.93 9.18 13.49
CA GLU B 215 -32.90 9.82 12.62
C GLU B 215 -33.34 8.90 11.48
N LYS B 216 -32.41 8.12 10.95
CA LYS B 216 -32.71 7.24 9.83
C LYS B 216 -33.63 6.11 10.27
N LEU B 217 -33.57 5.75 11.56
CA LEU B 217 -34.42 4.72 12.12
C LEU B 217 -35.82 5.24 12.40
N LYS B 218 -35.97 6.56 12.51
CA LYS B 218 -37.28 7.18 12.68
C LYS B 218 -38.11 7.00 11.42
N GLU B 219 -37.42 6.85 10.29
CA GLU B 219 -38.07 6.68 9.00
C GLU B 219 -38.52 5.23 8.80
N HIS B 220 -38.41 4.44 9.85
CA HIS B 220 -38.82 3.04 9.80
C HIS B 220 -39.69 2.67 11.01
N PHE B 221 -39.78 3.59 11.98
CA PHE B 221 -40.55 3.33 13.19
C PHE B 221 -41.48 4.48 13.57
N ASN B 222 -41.87 5.27 12.57
CA ASN B 222 -42.86 6.34 12.75
C ASN B 222 -42.53 7.38 13.82
N ASN B 223 -41.43 8.10 13.62
CA ASN B 223 -41.09 9.23 14.47
C ASN B 223 -41.40 9.02 15.93
N LYS B 224 -40.59 8.19 16.58
CA LYS B 224 -40.70 7.96 18.00
C LYS B 224 -39.30 8.09 18.58
N THR B 225 -39.20 8.45 19.86
CA THR B 225 -37.89 8.64 20.42
C THR B 225 -37.19 7.30 20.30
N ILE B 226 -35.93 7.35 19.84
CA ILE B 226 -35.16 6.13 19.69
C ILE B 226 -34.11 6.17 20.77
N ILE B 227 -34.09 5.14 21.60
CA ILE B 227 -33.14 5.12 22.71
C ILE B 227 -32.15 3.96 22.60
N PHE B 228 -30.87 4.26 22.76
CA PHE B 228 -29.84 3.22 22.81
C PHE B 228 -29.54 2.84 24.26
N GLN B 229 -29.33 1.55 24.48
CA GLN B 229 -29.00 1.04 25.81
C GLN B 229 -27.94 -0.06 25.72
N PRO B 230 -27.13 -0.22 26.78
CA PRO B 230 -26.16 -1.32 26.80
C PRO B 230 -26.86 -2.67 26.83
N PRO B 231 -26.25 -3.70 26.22
CA PRO B 231 -26.80 -5.06 26.11
C PRO B 231 -27.34 -5.58 27.44
N SER B 232 -28.47 -6.28 27.38
CA SER B 232 -29.18 -6.72 28.58
C SER B 232 -28.49 -7.87 29.33
N GLY B 233 -27.30 -8.26 28.86
CA GLY B 233 -26.56 -9.31 29.52
C GLY B 233 -26.25 -10.48 28.60
N GLY B 234 -25.46 -11.43 29.11
CA GLY B 234 -25.07 -12.59 28.35
C GLY B 234 -23.56 -12.71 28.22
N ASP B 235 -23.11 -13.40 27.18
CA ASP B 235 -21.70 -13.58 26.93
C ASP B 235 -21.02 -12.26 26.61
N LEU B 236 -19.75 -12.13 27.00
CA LEU B 236 -19.00 -10.89 26.79
C LEU B 236 -18.87 -10.56 25.31
N GLU B 237 -18.97 -11.59 24.46
CA GLU B 237 -18.92 -11.40 23.02
C GLU B 237 -20.15 -10.62 22.54
N ILE B 238 -21.25 -10.75 23.27
CA ILE B 238 -22.47 -10.02 22.96
C ILE B 238 -22.48 -8.65 23.61
N THR B 239 -22.14 -8.62 24.90
CA THR B 239 -22.24 -7.39 25.69
C THR B 239 -21.11 -6.40 25.41
N MET B 240 -20.03 -6.87 24.80
CA MET B 240 -18.89 -6.01 24.51
C MET B 240 -18.51 -6.05 23.04
N HIS B 241 -17.78 -5.02 22.59
CA HIS B 241 -17.21 -5.01 21.26
C HIS B 241 -15.97 -5.90 21.26
N SER B 242 -16.10 -7.09 20.68
CA SER B 242 -15.00 -8.03 20.63
C SER B 242 -14.38 -8.04 19.24
N PHE B 243 -13.06 -8.15 19.20
CA PHE B 243 -12.34 -8.22 17.93
C PHE B 243 -10.93 -8.76 18.18
N ASN B 244 -10.24 -9.10 17.10
CA ASN B 244 -8.88 -9.61 17.21
C ASN B 244 -7.87 -8.62 16.65
N CYS B 245 -6.93 -8.21 17.49
CA CYS B 245 -5.90 -7.25 17.09
C CYS B 245 -4.52 -7.85 17.28
N ARG B 246 -3.81 -8.03 16.18
CA ARG B 246 -2.45 -8.61 16.17
C ARG B 246 -2.41 -9.98 16.82
N GLY B 247 -3.45 -10.77 16.64
CA GLY B 247 -3.52 -12.10 17.21
C GLY B 247 -4.19 -12.13 18.58
N GLU B 248 -4.20 -10.99 19.26
CA GLU B 248 -4.77 -10.88 20.59
C GLU B 248 -6.26 -10.59 20.54
N PHE B 249 -7.02 -11.14 21.49
CA PHE B 249 -8.47 -10.94 21.53
C PHE B 249 -8.86 -9.79 22.44
N PHE B 250 -9.34 -8.71 21.85
CA PHE B 250 -9.74 -7.51 22.58
C PHE B 250 -11.23 -7.52 22.92
N TYR B 251 -11.55 -7.08 24.14
CA TYR B 251 -12.93 -6.92 24.57
C TYR B 251 -13.12 -5.53 25.14
N CYS B 252 -14.00 -4.73 24.53
CA CYS B 252 -14.13 -3.33 24.91
C CYS B 252 -15.53 -2.92 25.37
N ASN B 253 -15.58 -2.28 26.54
CA ASN B 253 -16.82 -1.73 27.07
C ASN B 253 -17.29 -0.57 26.21
N THR B 254 -18.48 -0.70 25.63
CA THR B 254 -18.99 0.31 24.71
C THR B 254 -20.19 1.07 25.26
N THR B 255 -20.32 1.11 26.58
CA THR B 255 -21.43 1.81 27.22
C THR B 255 -21.40 3.31 26.89
N GLN B 256 -20.19 3.85 26.73
CA GLN B 256 -20.02 5.26 26.42
C GLN B 256 -20.40 5.58 24.97
N LEU B 257 -20.35 4.57 24.11
CA LEU B 257 -20.69 4.75 22.70
C LEU B 257 -22.20 4.80 22.51
N PHE B 258 -22.93 3.97 23.24
CA PHE B 258 -24.37 3.89 23.09
C PHE B 258 -25.11 4.48 24.29
N ASN B 259 -24.73 5.71 24.63
CA ASN B 259 -25.41 6.46 25.68
C ASN B 259 -26.05 7.71 25.11
N ASN B 260 -27.35 7.86 25.34
CA ASN B 260 -28.09 8.99 24.77
C ASN B 260 -27.85 10.30 25.52
N THR B 261 -26.65 10.47 26.06
CA THR B 261 -26.30 11.66 26.82
C THR B 261 -25.76 12.74 25.89
N CYS B 262 -25.10 12.30 24.81
CA CYS B 262 -24.42 13.20 23.89
C CYS B 262 -25.22 13.42 22.62
N ILE B 263 -26.43 13.94 22.78
CA ILE B 263 -27.29 14.24 21.64
C ILE B 263 -27.53 15.74 21.52
N ASN B 272 -17.19 15.95 24.65
CA ASN B 272 -17.27 15.53 23.25
C ASN B 272 -15.92 15.61 22.55
N GLY B 273 -14.86 15.47 23.33
CA GLY B 273 -13.51 15.41 22.79
C GLY B 273 -13.17 14.01 22.32
N THR B 274 -12.44 13.27 23.15
CA THR B 274 -12.03 11.92 22.83
C THR B 274 -12.72 10.92 23.76
N ILE B 275 -13.47 9.99 23.17
CA ILE B 275 -14.13 8.93 23.93
C ILE B 275 -13.16 7.78 24.15
N THR B 276 -12.87 7.48 25.41
CA THR B 276 -11.95 6.40 25.74
C THR B 276 -12.71 5.18 26.28
N LEU B 277 -12.72 4.10 25.51
CA LEU B 277 -13.37 2.87 25.93
C LEU B 277 -12.39 1.97 26.64
N PRO B 278 -12.71 1.57 27.88
CA PRO B 278 -11.86 0.63 28.61
C PRO B 278 -11.92 -0.75 27.95
N CYS B 279 -10.75 -1.37 27.76
CA CYS B 279 -10.70 -2.65 27.06
C CYS B 279 -9.90 -3.70 27.84
N LYS B 280 -10.11 -4.95 27.47
CA LYS B 280 -9.34 -6.05 28.04
C LYS B 280 -8.90 -7.03 26.96
N ILE B 281 -7.68 -7.51 27.07
CA ILE B 281 -7.22 -8.60 26.23
C ILE B 281 -7.45 -9.91 26.98
N LYS B 282 -8.39 -10.70 26.50
CA LYS B 282 -8.77 -11.94 27.18
C LYS B 282 -8.04 -13.16 26.62
N GLN B 283 -7.62 -14.05 27.50
CA GLN B 283 -7.00 -15.31 27.11
C GLN B 283 -8.06 -16.40 26.96
N ILE B 284 -9.08 -16.35 27.81
CA ILE B 284 -10.18 -17.30 27.75
C ILE B 284 -11.31 -16.74 26.89
N ILE B 285 -11.75 -17.50 25.90
CA ILE B 285 -12.71 -17.01 24.92
C ILE B 285 -13.76 -18.07 24.56
N ASN B 286 -15.01 -17.63 24.41
CA ASN B 286 -16.03 -18.45 23.78
C ASN B 286 -15.95 -18.33 22.26
N MET B 287 -15.73 -19.46 21.59
CA MET B 287 -15.50 -19.47 20.14
C MET B 287 -16.77 -19.14 19.34
N TRP B 288 -16.59 -18.43 18.23
CA TRP B 288 -17.72 -18.03 17.39
C TRP B 288 -18.10 -19.11 16.38
N GLN B 289 -17.32 -20.18 16.34
CA GLN B 289 -17.62 -21.30 15.46
C GLN B 289 -18.75 -22.15 16.03
N GLY B 290 -19.13 -21.84 17.27
CA GLY B 290 -20.17 -22.59 17.96
C GLY B 290 -19.60 -23.78 18.70
N THR B 291 -18.30 -23.99 18.56
CA THR B 291 -17.62 -25.11 19.21
C THR B 291 -17.69 -24.99 20.73
N GLY B 292 -17.15 -23.90 21.27
CA GLY B 292 -17.19 -23.67 22.70
C GLY B 292 -16.17 -22.68 23.22
N GLN B 293 -15.33 -23.13 24.14
CA GLN B 293 -14.35 -22.25 24.78
C GLN B 293 -12.90 -22.63 24.45
N ALA B 294 -11.99 -21.69 24.66
CA ALA B 294 -10.57 -21.91 24.40
C ALA B 294 -9.72 -20.88 25.17
N MET B 295 -8.50 -21.26 25.52
CA MET B 295 -7.61 -20.37 26.27
C MET B 295 -6.25 -20.18 25.59
N TYR B 296 -5.87 -18.92 25.39
CA TYR B 296 -4.63 -18.60 24.71
C TYR B 296 -3.55 -18.10 25.67
N ALA B 297 -2.36 -17.85 25.12
CA ALA B 297 -1.23 -17.38 25.89
C ALA B 297 -1.37 -15.89 26.23
N PRO B 298 -0.66 -15.42 27.27
CA PRO B 298 -0.63 -13.99 27.62
C PRO B 298 -0.17 -13.11 26.46
N PRO B 299 -0.69 -11.87 26.39
CA PRO B 299 -0.40 -10.92 25.30
C PRO B 299 1.07 -10.72 25.03
N ILE B 300 1.42 -10.40 23.79
CA ILE B 300 2.80 -10.12 23.42
C ILE B 300 3.29 -8.83 24.06
N ASP B 301 4.62 -8.66 24.10
CA ASP B 301 5.22 -7.47 24.67
C ASP B 301 5.13 -6.29 23.71
N GLY B 302 5.45 -5.10 24.21
CA GLY B 302 5.47 -3.91 23.39
C GLY B 302 4.09 -3.36 23.09
N LYS B 303 4.05 -2.32 22.25
CA LYS B 303 2.79 -1.69 21.90
C LYS B 303 1.97 -2.54 20.94
N ILE B 304 0.70 -2.73 21.26
CA ILE B 304 -0.22 -3.42 20.39
C ILE B 304 -1.29 -2.42 19.96
N ASN B 305 -1.38 -2.16 18.67
CA ASN B 305 -2.27 -1.12 18.18
C ASN B 305 -3.02 -1.50 16.91
N CYS B 306 -4.32 -1.25 16.91
CA CYS B 306 -5.15 -1.46 15.74
C CYS B 306 -6.08 -0.28 15.52
N VAL B 307 -5.86 0.43 14.42
CA VAL B 307 -6.75 1.53 14.04
C VAL B 307 -7.61 1.07 12.86
N SER B 308 -8.92 1.12 13.05
CA SER B 308 -9.83 0.65 12.03
C SER B 308 -10.99 1.60 11.80
N ASN B 309 -11.62 1.50 10.62
CA ASN B 309 -12.80 2.27 10.32
C ASN B 309 -14.06 1.55 10.78
N ILE B 310 -14.86 2.22 11.61
CA ILE B 310 -16.19 1.71 11.94
C ILE B 310 -17.10 2.03 10.76
N THR B 311 -17.44 1.00 9.99
CA THR B 311 -18.20 1.18 8.76
C THR B 311 -19.62 0.66 8.89
N GLY B 312 -19.90 -0.02 10.00
CA GLY B 312 -21.21 -0.59 10.23
C GLY B 312 -21.50 -0.87 11.68
N ILE B 313 -22.78 -1.01 12.01
CA ILE B 313 -23.22 -1.31 13.36
C ILE B 313 -24.25 -2.44 13.37
N LEU B 314 -24.12 -3.35 14.34
CA LEU B 314 -25.09 -4.42 14.50
C LEU B 314 -26.00 -4.15 15.70
N LEU B 315 -27.30 -4.09 15.47
CA LEU B 315 -28.25 -3.74 16.52
C LEU B 315 -29.32 -4.80 16.72
N THR B 316 -29.87 -4.84 17.93
CA THR B 316 -30.97 -5.75 18.26
C THR B 316 -32.05 -4.99 19.01
N ARG B 317 -33.24 -4.92 18.42
CA ARG B 317 -34.36 -4.19 19.02
C ARG B 317 -35.03 -5.01 20.12
N ASP B 318 -35.54 -4.32 21.13
CA ASP B 318 -36.20 -4.99 22.25
C ASP B 318 -37.68 -5.26 21.95
N GLY B 319 -38.23 -6.27 22.60
CA GLY B 319 -39.64 -6.59 22.48
C GLY B 319 -40.45 -5.89 23.55
N GLY B 320 -41.77 -5.94 23.41
CA GLY B 320 -42.67 -5.30 24.36
C GLY B 320 -42.62 -3.79 24.25
N ALA B 321 -42.10 -3.30 23.12
CA ALA B 321 -41.97 -1.86 22.90
C ALA B 321 -43.24 -1.27 22.29
N ASN B 322 -44.32 -2.04 22.31
CA ASN B 322 -45.60 -1.57 21.81
C ASN B 322 -46.27 -0.63 22.79
N ASN B 323 -47.40 -0.04 22.37
CA ASN B 323 -48.13 0.96 23.14
C ASN B 323 -47.28 2.01 23.87
N THR B 324 -46.33 2.58 23.14
CA THR B 324 -45.51 3.68 23.66
C THR B 324 -44.87 4.45 22.49
N SER B 325 -44.08 5.46 22.81
CA SER B 325 -43.39 6.24 21.79
C SER B 325 -41.88 5.98 21.84
N ASN B 326 -41.49 4.91 22.52
CA ASN B 326 -40.09 4.58 22.70
C ASN B 326 -39.67 3.29 22.01
N GLU B 327 -38.49 3.31 21.39
CA GLU B 327 -37.91 2.12 20.78
C GLU B 327 -36.47 1.94 21.23
N THR B 328 -36.22 0.88 22.00
CA THR B 328 -34.90 0.63 22.56
C THR B 328 -34.04 -0.26 21.66
N PHE B 329 -32.87 0.24 21.30
CA PHE B 329 -31.94 -0.50 20.46
C PHE B 329 -30.66 -0.80 21.20
N ARG B 330 -30.18 -2.05 21.09
CA ARG B 330 -28.96 -2.47 21.77
C ARG B 330 -27.99 -3.11 20.79
N PRO B 331 -26.68 -2.84 20.97
CA PRO B 331 -25.66 -3.41 20.10
C PRO B 331 -25.45 -4.90 20.39
N GLY B 332 -24.95 -5.64 19.41
CA GLY B 332 -24.70 -7.06 19.58
C GLY B 332 -25.74 -7.91 18.89
N GLY B 333 -25.85 -9.18 19.31
CA GLY B 333 -26.76 -10.13 18.71
C GLY B 333 -26.35 -10.47 17.29
N GLY B 334 -25.11 -10.13 16.94
CA GLY B 334 -24.62 -10.31 15.60
C GLY B 334 -23.97 -11.66 15.37
N ASN B 335 -24.74 -12.57 14.76
CA ASN B 335 -24.18 -13.81 14.24
C ASN B 335 -23.06 -13.44 13.27
N ILE B 336 -21.93 -14.13 13.38
CA ILE B 336 -20.76 -13.79 12.56
C ILE B 336 -21.07 -13.83 11.06
N LYS B 337 -22.05 -14.64 10.69
CA LYS B 337 -22.51 -14.71 9.31
C LYS B 337 -23.03 -13.35 8.84
N ASP B 338 -23.63 -12.60 9.75
CA ASP B 338 -24.16 -11.27 9.45
C ASP B 338 -23.06 -10.30 9.00
N ASN B 339 -21.85 -10.51 9.51
CA ASN B 339 -20.71 -9.69 9.10
C ASN B 339 -20.45 -9.80 7.61
N TRP B 340 -20.53 -11.02 7.09
CA TRP B 340 -20.30 -11.24 5.67
C TRP B 340 -21.50 -10.77 4.85
N ARG B 341 -22.68 -10.80 5.46
CA ARG B 341 -23.90 -10.33 4.81
C ARG B 341 -23.82 -8.84 4.50
N SER B 342 -23.16 -8.10 5.38
CA SER B 342 -23.06 -6.64 5.24
C SER B 342 -22.15 -6.23 4.08
N GLU B 343 -21.49 -7.21 3.48
CA GLU B 343 -20.62 -6.96 2.34
C GLU B 343 -21.10 -7.69 1.09
N LEU B 344 -21.83 -8.77 1.29
CA LEU B 344 -22.31 -9.60 0.18
C LEU B 344 -23.77 -9.32 -0.18
N TYR B 345 -24.34 -8.30 0.46
CA TYR B 345 -25.75 -7.98 0.28
C TYR B 345 -26.12 -7.64 -1.16
N LYS B 346 -25.16 -7.14 -1.93
CA LYS B 346 -25.43 -6.69 -3.29
C LYS B 346 -25.14 -7.75 -4.34
N TYR B 347 -24.73 -8.94 -3.91
CA TYR B 347 -24.36 -10.00 -4.83
C TYR B 347 -25.29 -11.21 -4.75
N LYS B 348 -25.38 -11.94 -5.86
CA LYS B 348 -26.06 -13.24 -5.87
C LYS B 348 -25.61 -14.04 -7.10
N VAL B 349 -25.66 -15.36 -6.99
CA VAL B 349 -25.17 -16.24 -8.05
C VAL B 349 -26.28 -16.74 -8.95
N VAL B 350 -26.09 -16.61 -10.27
CA VAL B 350 -27.03 -17.14 -11.24
C VAL B 350 -26.31 -18.03 -12.26
N GLN B 351 -27.04 -19.02 -12.79
CA GLN B 351 -26.48 -19.90 -13.81
C GLN B 351 -26.93 -19.49 -15.20
N ILE B 352 -25.97 -19.18 -16.06
CA ILE B 352 -26.28 -18.78 -17.42
C ILE B 352 -26.58 -19.99 -18.31
N GLU B 353 -27.72 -19.94 -18.99
CA GLU B 353 -28.16 -21.07 -19.81
C GLU B 353 -28.92 -20.60 -21.05
#